data_6ATS
# 
_entry.id   6ATS 
# 
_audit_conform.dict_name       mmcif_pdbx.dic 
_audit_conform.dict_version    5.397 
_audit_conform.dict_location   http://mmcif.pdb.org/dictionaries/ascii/mmcif_pdbx.dic 
# 
loop_
_database_2.database_id 
_database_2.database_code 
_database_2.pdbx_database_accession 
_database_2.pdbx_DOI 
PDB   6ATS         pdb_00006ats 10.2210/pdb6ats/pdb 
WWPDB D_1000229822 ?            ?                   
# 
loop_
_pdbx_audit_revision_history.ordinal 
_pdbx_audit_revision_history.data_content_type 
_pdbx_audit_revision_history.major_revision 
_pdbx_audit_revision_history.minor_revision 
_pdbx_audit_revision_history.revision_date 
1 'Structure model' 1 0 2018-02-28 
2 'Structure model' 1 1 2018-03-14 
3 'Structure model' 2 0 2024-10-23 
# 
_pdbx_audit_revision_details.ordinal             1 
_pdbx_audit_revision_details.revision_ordinal    1 
_pdbx_audit_revision_details.data_content_type   'Structure model' 
_pdbx_audit_revision_details.provider            repository 
_pdbx_audit_revision_details.type                'Initial release' 
_pdbx_audit_revision_details.description         ? 
_pdbx_audit_revision_details.details             ? 
# 
loop_
_pdbx_audit_revision_group.ordinal 
_pdbx_audit_revision_group.revision_ordinal 
_pdbx_audit_revision_group.data_content_type 
_pdbx_audit_revision_group.group 
1 2 'Structure model' 'Database references' 
2 3 'Structure model' 'Atomic model'        
3 3 'Structure model' 'Data collection'     
4 3 'Structure model' 'Database references' 
5 3 'Structure model' 'Structure summary'   
# 
loop_
_pdbx_audit_revision_category.ordinal 
_pdbx_audit_revision_category.revision_ordinal 
_pdbx_audit_revision_category.data_content_type 
_pdbx_audit_revision_category.category 
1 2 'Structure model' citation                  
2 2 'Structure model' citation_author           
3 3 'Structure model' atom_site                 
4 3 'Structure model' chem_comp_atom            
5 3 'Structure model' chem_comp_bond            
6 3 'Structure model' database_2                
7 3 'Structure model' pdbx_entry_details        
8 3 'Structure model' pdbx_modification_feature 
# 
loop_
_pdbx_audit_revision_item.ordinal 
_pdbx_audit_revision_item.revision_ordinal 
_pdbx_audit_revision_item.data_content_type 
_pdbx_audit_revision_item.item 
1  2 'Structure model' '_citation.journal_abbrev'            
2  2 'Structure model' '_citation.journal_volume'            
3  2 'Structure model' '_citation.page_first'                
4  2 'Structure model' '_citation.page_last'                 
5  2 'Structure model' '_citation.pdbx_database_id_PubMed'   
6  2 'Structure model' '_citation.title'                     
7  2 'Structure model' '_citation_author.name'               
8  3 'Structure model' '_atom_site.occupancy'                
9  3 'Structure model' '_database_2.pdbx_DOI'                
10 3 'Structure model' '_database_2.pdbx_database_accession' 
# 
_pdbx_database_status.status_code                     REL 
_pdbx_database_status.status_code_sf                  REL 
_pdbx_database_status.status_code_mr                  ? 
_pdbx_database_status.entry_id                        6ATS 
_pdbx_database_status.recvd_initial_deposition_date   2017-08-29 
_pdbx_database_status.SG_entry                        N 
_pdbx_database_status.deposit_site                    RCSB 
_pdbx_database_status.process_site                    RCSB 
_pdbx_database_status.status_code_cs                  ? 
_pdbx_database_status.methods_development_category    ? 
_pdbx_database_status.pdb_format_compatible           Y 
_pdbx_database_status.status_code_nmr_data            ? 
# 
loop_
_pdbx_database_related.db_name 
_pdbx_database_related.details 
_pdbx_database_related.db_id 
_pdbx_database_related.content_type 
PDB . 6ATL unspecified 
PDB . 6ATM unspecified 
PDB . 6ATN unspecified 
# 
loop_
_audit_author.name 
_audit_author.pdbx_ordinal 
_audit_author.identifier_ORCID 
'Gewe, M.M.'   1 ? 
'Rupert, P.'   2 ? 
'Strong, R.K.' 3 ? 
# 
_citation.abstract                  ? 
_citation.abstract_id_CAS           ? 
_citation.book_id_ISBN              ? 
_citation.book_publisher            ? 
_citation.book_publisher_city       ? 
_citation.book_title                ? 
_citation.coordinate_linkage        ? 
_citation.country                   US 
_citation.database_id_Medline       ? 
_citation.details                   ? 
_citation.id                        primary 
_citation.journal_abbrev            'Nat. Struct. Mol. Biol.' 
_citation.journal_id_ASTM           ? 
_citation.journal_id_CSD            ? 
_citation.journal_id_ISSN           1545-9985 
_citation.journal_full              ? 
_citation.journal_issue             ? 
_citation.journal_volume            25 
_citation.language                  ? 
_citation.page_first                270 
_citation.page_last                 278 
_citation.title                     
'Screening, large-scale production and structure-based classification of cystine-dense peptides.' 
_citation.year                      2018 
_citation.database_id_CSD           ? 
_citation.pdbx_database_id_DOI      10.1038/s41594-018-0033-9 
_citation.pdbx_database_id_PubMed   29483648 
_citation.unpublished_flag          ? 
# 
loop_
_citation_author.citation_id 
_citation_author.name 
_citation_author.ordinal 
_citation_author.identifier_ORCID 
primary 'Correnti, C.E.'          1  ? 
primary 'Gewe, M.M.'              2  ? 
primary 'Mehlin, C.'              3  ? 
primary 'Bandaranayake, A.D.'     4  ? 
primary 'Johnsen, W.A.'           5  ? 
primary 'Rupert, P.B.'            6  ? 
primary 'Brusniak, M.Y.'          7  ? 
primary 'Clarke, M.'              8  ? 
primary 'Burke, S.E.'             9  ? 
primary 'De Van Der Schueren, W.' 10 ? 
primary 'Pilat, K.'               11 ? 
primary 'Turnbaugh, S.M.'         12 ? 
primary 'May, D.'                 13 ? 
primary 'Watson, A.'              14 ? 
primary 'Chan, M.K.'              15 ? 
primary 'Bahl, C.D.'              16 ? 
primary 'Olson, J.M.'             17 ? 
primary 'Strong, R.K.'            18 ? 
# 
loop_
_entity.id 
_entity.type 
_entity.src_method 
_entity.pdbx_description 
_entity.formula_weight 
_entity.pdbx_number_of_molecules 
_entity.pdbx_ec 
_entity.pdbx_mutation 
_entity.pdbx_fragment 
_entity.details 
1 polymer man 'Potassium channel toxin kappa-KTx 1.2' 2866.093 1  ? ? ? ? 
2 water   nat water                                   18.015   32 ? ? ? ? 
# 
_entity_name_com.entity_id   1 
_entity_name_com.name        Kappa-hefutoxin-2,Kappa-HfTx2 
# 
_entity_poly.entity_id                      1 
_entity_poly.type                           'polypeptide(L)' 
_entity_poly.nstd_linkage                   no 
_entity_poly.nstd_monomer                   no 
_entity_poly.pdbx_seq_one_letter_code       GSGHACYRNCWREGNDEETCKERCG 
_entity_poly.pdbx_seq_one_letter_code_can   GSGHACYRNCWREGNDEETCKERCG 
_entity_poly.pdbx_strand_id                 A 
_entity_poly.pdbx_target_identifier         ? 
# 
_pdbx_entity_nonpoly.entity_id   2 
_pdbx_entity_nonpoly.name        water 
_pdbx_entity_nonpoly.comp_id     HOH 
# 
loop_
_entity_poly_seq.entity_id 
_entity_poly_seq.num 
_entity_poly_seq.mon_id 
_entity_poly_seq.hetero 
1 1  GLY n 
1 2  SER n 
1 3  GLY n 
1 4  HIS n 
1 5  ALA n 
1 6  CYS n 
1 7  TYR n 
1 8  ARG n 
1 9  ASN n 
1 10 CYS n 
1 11 TRP n 
1 12 ARG n 
1 13 GLU n 
1 14 GLY n 
1 15 ASN n 
1 16 ASP n 
1 17 GLU n 
1 18 GLU n 
1 19 THR n 
1 20 CYS n 
1 21 LYS n 
1 22 GLU n 
1 23 ARG n 
1 24 CYS n 
1 25 GLY n 
# 
_entity_src_gen.entity_id                          1 
_entity_src_gen.pdbx_src_id                        1 
_entity_src_gen.pdbx_alt_source_flag               sample 
_entity_src_gen.pdbx_seq_type                      'Biological sequence' 
_entity_src_gen.pdbx_beg_seq_num                   1 
_entity_src_gen.pdbx_end_seq_num                   25 
_entity_src_gen.gene_src_common_name               'Indian black scorpion' 
_entity_src_gen.gene_src_genus                     ? 
_entity_src_gen.pdbx_gene_src_gene                 ? 
_entity_src_gen.gene_src_species                   ? 
_entity_src_gen.gene_src_strain                    ? 
_entity_src_gen.gene_src_tissue                    ? 
_entity_src_gen.gene_src_tissue_fraction           ? 
_entity_src_gen.gene_src_details                   ? 
_entity_src_gen.pdbx_gene_src_fragment             ? 
_entity_src_gen.pdbx_gene_src_scientific_name      'Heterometrus fulvipes' 
_entity_src_gen.pdbx_gene_src_ncbi_taxonomy_id     141248 
_entity_src_gen.pdbx_gene_src_variant              ? 
_entity_src_gen.pdbx_gene_src_cell_line            ? 
_entity_src_gen.pdbx_gene_src_atcc                 ? 
_entity_src_gen.pdbx_gene_src_organ                ? 
_entity_src_gen.pdbx_gene_src_organelle            ? 
_entity_src_gen.pdbx_gene_src_cell                 ? 
_entity_src_gen.pdbx_gene_src_cellular_location    ? 
_entity_src_gen.host_org_common_name               ? 
_entity_src_gen.pdbx_host_org_scientific_name      'Homo sapiens' 
_entity_src_gen.pdbx_host_org_ncbi_taxonomy_id     9606 
_entity_src_gen.host_org_genus                     ? 
_entity_src_gen.pdbx_host_org_gene                 ? 
_entity_src_gen.pdbx_host_org_organ                ? 
_entity_src_gen.host_org_species                   ? 
_entity_src_gen.pdbx_host_org_tissue               ? 
_entity_src_gen.pdbx_host_org_tissue_fraction      ? 
_entity_src_gen.pdbx_host_org_strain               ? 
_entity_src_gen.pdbx_host_org_variant              ? 
_entity_src_gen.pdbx_host_org_cell_line            HEK-293F 
_entity_src_gen.pdbx_host_org_atcc                 ? 
_entity_src_gen.pdbx_host_org_culture_collection   ? 
_entity_src_gen.pdbx_host_org_cell                 ? 
_entity_src_gen.pdbx_host_org_organelle            ? 
_entity_src_gen.pdbx_host_org_cellular_location    ? 
_entity_src_gen.pdbx_host_org_vector_type          ? 
_entity_src_gen.pdbx_host_org_vector               ? 
_entity_src_gen.host_org_details                   ? 
_entity_src_gen.expression_system_id               ? 
_entity_src_gen.plasmid_name                       ? 
_entity_src_gen.plasmid_details                    ? 
_entity_src_gen.pdbx_description                   ? 
# 
loop_
_chem_comp.id 
_chem_comp.type 
_chem_comp.mon_nstd_flag 
_chem_comp.name 
_chem_comp.pdbx_synonyms 
_chem_comp.formula 
_chem_comp.formula_weight 
ALA 'L-peptide linking' y ALANINE         ? 'C3 H7 N O2'     89.093  
ARG 'L-peptide linking' y ARGININE        ? 'C6 H15 N4 O2 1' 175.209 
ASN 'L-peptide linking' y ASPARAGINE      ? 'C4 H8 N2 O3'    132.118 
ASP 'L-peptide linking' y 'ASPARTIC ACID' ? 'C4 H7 N O4'     133.103 
CYS 'L-peptide linking' y CYSTEINE        ? 'C3 H7 N O2 S'   121.158 
GLU 'L-peptide linking' y 'GLUTAMIC ACID' ? 'C5 H9 N O4'     147.129 
GLY 'peptide linking'   y GLYCINE         ? 'C2 H5 N O2'     75.067  
HIS 'L-peptide linking' y HISTIDINE       ? 'C6 H10 N3 O2 1' 156.162 
HOH non-polymer         . WATER           ? 'H2 O'           18.015  
LYS 'L-peptide linking' y LYSINE          ? 'C6 H15 N2 O2 1' 147.195 
SER 'L-peptide linking' y SERINE          ? 'C3 H7 N O3'     105.093 
THR 'L-peptide linking' y THREONINE       ? 'C4 H9 N O3'     119.119 
TRP 'L-peptide linking' y TRYPTOPHAN      ? 'C11 H12 N2 O2'  204.225 
TYR 'L-peptide linking' y TYROSINE        ? 'C9 H11 N O3'    181.189 
# 
loop_
_pdbx_poly_seq_scheme.asym_id 
_pdbx_poly_seq_scheme.entity_id 
_pdbx_poly_seq_scheme.seq_id 
_pdbx_poly_seq_scheme.mon_id 
_pdbx_poly_seq_scheme.ndb_seq_num 
_pdbx_poly_seq_scheme.pdb_seq_num 
_pdbx_poly_seq_scheme.auth_seq_num 
_pdbx_poly_seq_scheme.pdb_mon_id 
_pdbx_poly_seq_scheme.auth_mon_id 
_pdbx_poly_seq_scheme.pdb_strand_id 
_pdbx_poly_seq_scheme.pdb_ins_code 
_pdbx_poly_seq_scheme.hetero 
A 1 1  GLY 1  -1 -1 GLY GLY A . n 
A 1 2  SER 2  0  0  SER SER A . n 
A 1 3  GLY 3  1  1  GLY GLY A . n 
A 1 4  HIS 4  2  2  HIS HIS A . n 
A 1 5  ALA 5  3  3  ALA ALA A . n 
A 1 6  CYS 6  4  4  CYS CYS A . n 
A 1 7  TYR 7  5  5  TYR TYR A . n 
A 1 8  ARG 8  6  6  ARG ARG A . n 
A 1 9  ASN 9  7  7  ASN ASN A . n 
A 1 10 CYS 10 8  8  CYS CYS A . n 
A 1 11 TRP 11 9  9  TRP TRP A . n 
A 1 12 ARG 12 10 10 ARG ARG A . n 
A 1 13 GLU 13 11 11 GLU GLU A . n 
A 1 14 GLY 14 12 12 GLY GLY A . n 
A 1 15 ASN 15 13 13 ASN ASN A . n 
A 1 16 ASP 16 14 14 ASP ASP A . n 
A 1 17 GLU 17 15 15 GLU GLU A . n 
A 1 18 GLU 18 16 16 GLU GLU A . n 
A 1 19 THR 19 17 17 THR THR A . n 
A 1 20 CYS 20 18 18 CYS CYS A . n 
A 1 21 LYS 21 19 19 LYS LYS A . n 
A 1 22 GLU 22 20 20 GLU GLU A . n 
A 1 23 ARG 23 21 21 ARG ARG A . n 
A 1 24 CYS 24 22 22 CYS CYS A . n 
A 1 25 GLY 25 23 ?  ?   ?   A . n 
# 
loop_
_pdbx_nonpoly_scheme.asym_id 
_pdbx_nonpoly_scheme.entity_id 
_pdbx_nonpoly_scheme.mon_id 
_pdbx_nonpoly_scheme.ndb_seq_num 
_pdbx_nonpoly_scheme.pdb_seq_num 
_pdbx_nonpoly_scheme.auth_seq_num 
_pdbx_nonpoly_scheme.pdb_mon_id 
_pdbx_nonpoly_scheme.auth_mon_id 
_pdbx_nonpoly_scheme.pdb_strand_id 
_pdbx_nonpoly_scheme.pdb_ins_code 
B 2 HOH 1  101 32 HOH HOH A . 
B 2 HOH 2  102 30 HOH HOH A . 
B 2 HOH 3  103 7  HOH HOH A . 
B 2 HOH 4  104 29 HOH HOH A . 
B 2 HOH 5  105 8  HOH HOH A . 
B 2 HOH 6  106 18 HOH HOH A . 
B 2 HOH 7  107 25 HOH HOH A . 
B 2 HOH 8  108 17 HOH HOH A . 
B 2 HOH 9  109 21 HOH HOH A . 
B 2 HOH 10 110 37 HOH HOH A . 
B 2 HOH 11 111 13 HOH HOH A . 
B 2 HOH 12 112 41 HOH HOH A . 
B 2 HOH 13 113 22 HOH HOH A . 
B 2 HOH 14 114 2  HOH HOH A . 
B 2 HOH 15 115 35 HOH HOH A . 
B 2 HOH 16 116 39 HOH HOH A . 
B 2 HOH 17 117 4  HOH HOH A . 
B 2 HOH 18 118 5  HOH HOH A . 
B 2 HOH 19 119 24 HOH HOH A . 
B 2 HOH 20 120 20 HOH HOH A . 
B 2 HOH 21 121 15 HOH HOH A . 
B 2 HOH 22 122 28 HOH HOH A . 
B 2 HOH 23 123 14 HOH HOH A . 
B 2 HOH 24 124 9  HOH HOH A . 
B 2 HOH 25 125 26 HOH HOH A . 
B 2 HOH 26 126 16 HOH HOH A . 
B 2 HOH 27 127 27 HOH HOH A . 
B 2 HOH 28 128 42 HOH HOH A . 
B 2 HOH 29 129 40 HOH HOH A . 
B 2 HOH 30 130 38 HOH HOH A . 
B 2 HOH 31 131 31 HOH HOH A . 
B 2 HOH 32 132 23 HOH HOH A . 
# 
loop_
_software.citation_id 
_software.classification 
_software.compiler_name 
_software.compiler_version 
_software.contact_author 
_software.contact_author_email 
_software.date 
_software.description 
_software.dependencies 
_software.hardware 
_software.language 
_software.location 
_software.mods 
_software.name 
_software.os 
_software.os_version 
_software.type 
_software.version 
_software.pdbx_ordinal 
? refinement       ? ? ? ? ? ? ? ? ? ? ? REFMAC   ? ? ? 5.8.0158 1 
? 'data reduction' ? ? ? ? ? ? ? ? ? ? ? HKL-2000 ? ? ? .        2 
? 'data scaling'   ? ? ? ? ? ? ? ? ? ? ? HKL-2000 ? ? ? .        3 
? phasing          ? ? ? ? ? ? ? ? ? ? ? PHASER   ? ? ? .        4 
# 
_cell.angle_alpha                  90.00 
_cell.angle_alpha_esd              ? 
_cell.angle_beta                   92.60 
_cell.angle_beta_esd               ? 
_cell.angle_gamma                  90.00 
_cell.angle_gamma_esd              ? 
_cell.entry_id                     6ATS 
_cell.details                      ? 
_cell.formula_units_Z              ? 
_cell.length_a                     46.102 
_cell.length_a_esd                 ? 
_cell.length_b                     21.323 
_cell.length_b_esd                 ? 
_cell.length_c                     20.368 
_cell.length_c_esd                 ? 
_cell.volume                       ? 
_cell.volume_esd                   ? 
_cell.Z_PDB                        4 
_cell.reciprocal_angle_alpha       ? 
_cell.reciprocal_angle_beta        ? 
_cell.reciprocal_angle_gamma       ? 
_cell.reciprocal_angle_alpha_esd   ? 
_cell.reciprocal_angle_beta_esd    ? 
_cell.reciprocal_angle_gamma_esd   ? 
_cell.reciprocal_length_a          ? 
_cell.reciprocal_length_b          ? 
_cell.reciprocal_length_c          ? 
_cell.reciprocal_length_a_esd      ? 
_cell.reciprocal_length_b_esd      ? 
_cell.reciprocal_length_c_esd      ? 
_cell.pdbx_unique_axis             ? 
# 
_symmetry.entry_id                         6ATS 
_symmetry.cell_setting                     ? 
_symmetry.Int_Tables_number                5 
_symmetry.space_group_name_Hall            ? 
_symmetry.space_group_name_H-M             'C 1 2 1' 
_symmetry.pdbx_full_space_group_name_H-M   ? 
# 
_exptl.absorpt_coefficient_mu     ? 
_exptl.absorpt_correction_T_max   ? 
_exptl.absorpt_correction_T_min   ? 
_exptl.absorpt_correction_type    ? 
_exptl.absorpt_process_details    ? 
_exptl.entry_id                   6ATS 
_exptl.crystals_number            1 
_exptl.details                    ? 
_exptl.method                     'X-RAY DIFFRACTION' 
_exptl.method_details             ? 
# 
_exptl_crystal.colour                      ? 
_exptl_crystal.density_diffrn              ? 
_exptl_crystal.density_Matthews            1.78 
_exptl_crystal.density_method              ? 
_exptl_crystal.density_percent_sol         30.90 
_exptl_crystal.description                 ? 
_exptl_crystal.F_000                       ? 
_exptl_crystal.id                          1 
_exptl_crystal.preparation                 ? 
_exptl_crystal.size_max                    ? 
_exptl_crystal.size_mid                    ? 
_exptl_crystal.size_min                    ? 
_exptl_crystal.size_rad                    ? 
_exptl_crystal.colour_lustre               ? 
_exptl_crystal.colour_modifier             ? 
_exptl_crystal.colour_primary              ? 
_exptl_crystal.density_meas                ? 
_exptl_crystal.density_meas_esd            ? 
_exptl_crystal.density_meas_gt             ? 
_exptl_crystal.density_meas_lt             ? 
_exptl_crystal.density_meas_temp           ? 
_exptl_crystal.density_meas_temp_esd       ? 
_exptl_crystal.density_meas_temp_gt        ? 
_exptl_crystal.density_meas_temp_lt        ? 
_exptl_crystal.pdbx_crystal_image_url      ? 
_exptl_crystal.pdbx_crystal_image_format   ? 
_exptl_crystal.pdbx_mosaicity              ? 
_exptl_crystal.pdbx_mosaicity_esd          ? 
# 
_exptl_crystal_grow.apparatus       ? 
_exptl_crystal_grow.atmosphere      ? 
_exptl_crystal_grow.crystal_id      1 
_exptl_crystal_grow.details         ? 
_exptl_crystal_grow.method          'VAPOR DIFFUSION, SITTING DROP' 
_exptl_crystal_grow.method_ref      ? 
_exptl_crystal_grow.pH              8.5 
_exptl_crystal_grow.pressure        ? 
_exptl_crystal_grow.pressure_esd    ? 
_exptl_crystal_grow.seeding         ? 
_exptl_crystal_grow.seeding_ref     ? 
_exptl_crystal_grow.temp            298 
_exptl_crystal_grow.temp_details    ? 
_exptl_crystal_grow.temp_esd        ? 
_exptl_crystal_grow.time            ? 
_exptl_crystal_grow.pdbx_details    '0.1M Tris pH 8.5, 20% Ethanol' 
_exptl_crystal_grow.pdbx_pH_range   ? 
# 
_diffrn.ambient_environment    ? 
_diffrn.ambient_temp           100 
_diffrn.ambient_temp_details   ? 
_diffrn.ambient_temp_esd       ? 
_diffrn.crystal_id             1 
_diffrn.crystal_support        ? 
_diffrn.crystal_treatment      ? 
_diffrn.details                ? 
_diffrn.id                     1 
_diffrn.ambient_pressure       ? 
_diffrn.ambient_pressure_esd   ? 
_diffrn.ambient_pressure_gt    ? 
_diffrn.ambient_pressure_lt    ? 
_diffrn.ambient_temp_gt        ? 
_diffrn.ambient_temp_lt        ? 
# 
_diffrn_detector.details                      ? 
_diffrn_detector.detector                     CCD 
_diffrn_detector.diffrn_id                    1 
_diffrn_detector.type                         'RIGAKU SATURN 944+' 
_diffrn_detector.area_resol_mean              ? 
_diffrn_detector.dtime                        ? 
_diffrn_detector.pdbx_frames_total            ? 
_diffrn_detector.pdbx_collection_time_total   ? 
_diffrn_detector.pdbx_collection_date         2016-03-08 
# 
_diffrn_radiation.collimation                      ? 
_diffrn_radiation.diffrn_id                        1 
_diffrn_radiation.filter_edge                      ? 
_diffrn_radiation.inhomogeneity                    ? 
_diffrn_radiation.monochromator                    ? 
_diffrn_radiation.polarisn_norm                    ? 
_diffrn_radiation.polarisn_ratio                   ? 
_diffrn_radiation.probe                            ? 
_diffrn_radiation.type                             ? 
_diffrn_radiation.xray_symbol                      ? 
_diffrn_radiation.wavelength_id                    1 
_diffrn_radiation.pdbx_monochromatic_or_laue_m_l   M 
_diffrn_radiation.pdbx_wavelength_list             ? 
_diffrn_radiation.pdbx_wavelength                  ? 
_diffrn_radiation.pdbx_diffrn_protocol             'SINGLE WAVELENGTH' 
_diffrn_radiation.pdbx_analyzer                    ? 
_diffrn_radiation.pdbx_scattering_type             x-ray 
# 
_diffrn_radiation_wavelength.id           1 
_diffrn_radiation_wavelength.wavelength   1.54 
_diffrn_radiation_wavelength.wt           1.0 
# 
_diffrn_source.current                     ? 
_diffrn_source.details                     ? 
_diffrn_source.diffrn_id                   1 
_diffrn_source.power                       ? 
_diffrn_source.size                        ? 
_diffrn_source.source                      'ROTATING ANODE' 
_diffrn_source.target                      ? 
_diffrn_source.type                        'RIGAKU MICROMAX-007 HF' 
_diffrn_source.voltage                     ? 
_diffrn_source.take-off_angle              ? 
_diffrn_source.pdbx_wavelength_list        1.54 
_diffrn_source.pdbx_wavelength             ? 
_diffrn_source.pdbx_synchrotron_beamline   ? 
_diffrn_source.pdbx_synchrotron_site       ? 
# 
_reflns.B_iso_Wilson_estimate            ? 
_reflns.entry_id                         6ATS 
_reflns.data_reduction_details           ? 
_reflns.data_reduction_method            ? 
_reflns.d_resolution_high                1.90 
_reflns.d_resolution_low                 50.0 
_reflns.details                          ? 
_reflns.limit_h_max                      ? 
_reflns.limit_h_min                      ? 
_reflns.limit_k_max                      ? 
_reflns.limit_k_min                      ? 
_reflns.limit_l_max                      ? 
_reflns.limit_l_min                      ? 
_reflns.number_all                       ? 
_reflns.number_obs                       2535 
_reflns.observed_criterion               ? 
_reflns.observed_criterion_F_max         ? 
_reflns.observed_criterion_F_min         ? 
_reflns.observed_criterion_I_max         ? 
_reflns.observed_criterion_I_min         ? 
_reflns.observed_criterion_sigma_F       ? 
_reflns.observed_criterion_sigma_I       ? 
_reflns.percent_possible_obs             89.6 
_reflns.R_free_details                   ? 
_reflns.Rmerge_F_all                     ? 
_reflns.Rmerge_F_obs                     ? 
_reflns.Friedel_coverage                 ? 
_reflns.number_gt                        ? 
_reflns.threshold_expression             ? 
_reflns.pdbx_redundancy                  2.7 
_reflns.pdbx_Rmerge_I_obs                0.032 
_reflns.pdbx_Rmerge_I_all                ? 
_reflns.pdbx_Rsym_value                  ? 
_reflns.pdbx_netI_over_av_sigmaI         ? 
_reflns.pdbx_netI_over_sigmaI            14.45 
_reflns.pdbx_res_netI_over_av_sigmaI_2   ? 
_reflns.pdbx_res_netI_over_sigmaI_2      ? 
_reflns.pdbx_chi_squared                 1.506 
_reflns.pdbx_scaling_rejects             ? 
_reflns.pdbx_d_res_high_opt              ? 
_reflns.pdbx_d_res_low_opt               ? 
_reflns.pdbx_d_res_opt_method            ? 
_reflns.phase_calculation_details        ? 
_reflns.pdbx_Rrim_I_all                  ? 
_reflns.pdbx_Rpim_I_all                  0.022 
_reflns.pdbx_d_opt                       ? 
_reflns.pdbx_number_measured_all         ? 
_reflns.pdbx_diffrn_id                   1 
_reflns.pdbx_ordinal                     1 
_reflns.pdbx_CC_half                     0.994 
_reflns.pdbx_R_split                     ? 
# 
_reflns_shell.d_res_high                  1.9 
_reflns_shell.d_res_low                   1.98 
_reflns_shell.meanI_over_sigI_all         ? 
_reflns_shell.meanI_over_sigI_obs         ? 
_reflns_shell.number_measured_all         ? 
_reflns_shell.number_measured_obs         ? 
_reflns_shell.number_possible             ? 
_reflns_shell.number_unique_all           ? 
_reflns_shell.number_unique_obs           63 
_reflns_shell.percent_possible_all        45 
_reflns_shell.percent_possible_obs        ? 
_reflns_shell.Rmerge_F_all                ? 
_reflns_shell.Rmerge_F_obs                ? 
_reflns_shell.Rmerge_I_all                ? 
_reflns_shell.Rmerge_I_obs                0.035 
_reflns_shell.meanI_over_sigI_gt          ? 
_reflns_shell.meanI_over_uI_all           ? 
_reflns_shell.meanI_over_uI_gt            ? 
_reflns_shell.number_measured_gt          ? 
_reflns_shell.number_unique_gt            ? 
_reflns_shell.percent_possible_gt         ? 
_reflns_shell.Rmerge_F_gt                 ? 
_reflns_shell.Rmerge_I_gt                 ? 
_reflns_shell.pdbx_redundancy             1.6 
_reflns_shell.pdbx_Rsym_value             ? 
_reflns_shell.pdbx_chi_squared            ? 
_reflns_shell.pdbx_netI_over_sigmaI_all   ? 
_reflns_shell.pdbx_netI_over_sigmaI_obs   ? 
_reflns_shell.pdbx_Rrim_I_all             ? 
_reflns_shell.pdbx_Rpim_I_all             0.028 
_reflns_shell.pdbx_rejects                ? 
_reflns_shell.pdbx_ordinal                1 
_reflns_shell.pdbx_diffrn_id              1 
_reflns_shell.pdbx_CC_half                0.994 
_reflns_shell.pdbx_R_split                ? 
# 
_refine.aniso_B[1][1]                            -0.07 
_refine.aniso_B[1][2]                            0.00 
_refine.aniso_B[1][3]                            -0.05 
_refine.aniso_B[2][2]                            0.01 
_refine.aniso_B[2][3]                            0.00 
_refine.aniso_B[3][3]                            0.06 
_refine.B_iso_max                                ? 
_refine.B_iso_mean                               16.290 
_refine.B_iso_min                                ? 
_refine.correlation_coeff_Fo_to_Fc               0.965 
_refine.correlation_coeff_Fo_to_Fc_free          0.961 
_refine.details                                  'HYDROGENS HAVE BEEN ADDED IN THE RIDING POSITIONS' 
_refine.diff_density_max                         ? 
_refine.diff_density_max_esd                     ? 
_refine.diff_density_min                         ? 
_refine.diff_density_min_esd                     ? 
_refine.diff_density_rms                         ? 
_refine.diff_density_rms_esd                     ? 
_refine.entry_id                                 6ATS 
_refine.pdbx_refine_id                           'X-RAY DIFFRACTION' 
_refine.ls_abs_structure_details                 ? 
_refine.ls_abs_structure_Flack                   ? 
_refine.ls_abs_structure_Flack_esd               ? 
_refine.ls_abs_structure_Rogers                  ? 
_refine.ls_abs_structure_Rogers_esd              ? 
_refine.ls_d_res_high                            1.90 
_refine.ls_d_res_low                             23.03 
_refine.ls_extinction_coef                       ? 
_refine.ls_extinction_coef_esd                   ? 
_refine.ls_extinction_expression                 ? 
_refine.ls_extinction_method                     ? 
_refine.ls_goodness_of_fit_all                   ? 
_refine.ls_goodness_of_fit_all_esd               ? 
_refine.ls_goodness_of_fit_obs                   ? 
_refine.ls_goodness_of_fit_obs_esd               ? 
_refine.ls_hydrogen_treatment                    ? 
_refine.ls_matrix_type                           ? 
_refine.ls_number_constraints                    ? 
_refine.ls_number_parameters                     ? 
_refine.ls_number_reflns_all                     ? 
_refine.ls_number_reflns_obs                     1370 
_refine.ls_number_reflns_R_free                  55 
_refine.ls_number_reflns_R_work                  ? 
_refine.ls_number_restraints                     ? 
_refine.ls_percent_reflns_obs                    87.32 
_refine.ls_percent_reflns_R_free                 3.9 
_refine.ls_R_factor_all                          ? 
_refine.ls_R_factor_obs                          0.13412 
_refine.ls_R_factor_R_free                       0.17907 
_refine.ls_R_factor_R_free_error                 ? 
_refine.ls_R_factor_R_free_error_details         ? 
_refine.ls_R_factor_R_work                       0.13207 
_refine.ls_R_Fsqd_factor_obs                     ? 
_refine.ls_R_I_factor_obs                        ? 
_refine.ls_redundancy_reflns_all                 ? 
_refine.ls_redundancy_reflns_obs                 ? 
_refine.ls_restrained_S_all                      ? 
_refine.ls_restrained_S_obs                      ? 
_refine.ls_shift_over_esd_max                    ? 
_refine.ls_shift_over_esd_mean                   ? 
_refine.ls_structure_factor_coef                 ? 
_refine.ls_weighting_details                     ? 
_refine.ls_weighting_scheme                      ? 
_refine.ls_wR_factor_all                         ? 
_refine.ls_wR_factor_obs                         ? 
_refine.ls_wR_factor_R_free                      ? 
_refine.ls_wR_factor_R_work                      ? 
_refine.occupancy_max                            ? 
_refine.occupancy_min                            ? 
_refine.solvent_model_details                    ? 
_refine.solvent_model_param_bsol                 ? 
_refine.solvent_model_param_ksol                 ? 
_refine.ls_R_factor_gt                           ? 
_refine.ls_goodness_of_fit_gt                    ? 
_refine.ls_goodness_of_fit_ref                   ? 
_refine.ls_shift_over_su_max                     ? 
_refine.ls_shift_over_su_max_lt                  ? 
_refine.ls_shift_over_su_mean                    ? 
_refine.ls_shift_over_su_mean_lt                 ? 
_refine.pdbx_ls_sigma_I                          ? 
_refine.pdbx_ls_sigma_F                          ? 
_refine.pdbx_ls_sigma_Fsqd                       ? 
_refine.pdbx_data_cutoff_high_absF               ? 
_refine.pdbx_data_cutoff_high_rms_absF           ? 
_refine.pdbx_data_cutoff_low_absF                ? 
_refine.pdbx_isotropic_thermal_model             ? 
_refine.pdbx_ls_cross_valid_method               THROUGHOUT 
_refine.pdbx_method_to_determine_struct          SAD 
_refine.pdbx_starting_model                      ? 
_refine.pdbx_stereochemistry_target_values       ? 
_refine.pdbx_R_Free_selection_details            RANDOM 
_refine.pdbx_stereochem_target_val_spec_case     ? 
_refine.pdbx_overall_ESU_R                       0.194 
_refine.pdbx_overall_ESU_R_Free                  0.149 
_refine.pdbx_solvent_vdw_probe_radii             1.20 
_refine.pdbx_solvent_ion_probe_radii             0.80 
_refine.pdbx_solvent_shrinkage_radii             0.80 
_refine.pdbx_real_space_R                        ? 
_refine.pdbx_density_correlation                 ? 
_refine.pdbx_pd_number_of_powder_patterns        ? 
_refine.pdbx_pd_number_of_points                 ? 
_refine.pdbx_pd_meas_number_of_points            ? 
_refine.pdbx_pd_proc_ls_prof_R_factor            ? 
_refine.pdbx_pd_proc_ls_prof_wR_factor           ? 
_refine.pdbx_pd_Marquardt_correlation_coeff      ? 
_refine.pdbx_pd_Fsqrd_R_factor                   ? 
_refine.pdbx_pd_ls_matrix_band_width             ? 
_refine.pdbx_overall_phase_error                 ? 
_refine.pdbx_overall_SU_R_free_Cruickshank_DPI   ? 
_refine.pdbx_overall_SU_R_free_Blow_DPI          ? 
_refine.pdbx_overall_SU_R_Blow_DPI               ? 
_refine.pdbx_TLS_residual_ADP_flag               ? 
_refine.pdbx_diffrn_id                           1 
_refine.overall_SU_B                             2.592 
_refine.overall_SU_ML                            0.076 
_refine.overall_SU_R_Cruickshank_DPI             ? 
_refine.overall_SU_R_free                        ? 
_refine.overall_FOM_free_R_set                   ? 
_refine.overall_FOM_work_R_set                   ? 
_refine.pdbx_average_fsc_overall                 ? 
_refine.pdbx_average_fsc_work                    ? 
_refine.pdbx_average_fsc_free                    ? 
# 
_refine_hist.pdbx_refine_id                   'X-RAY DIFFRACTION' 
_refine_hist.cycle_id                         1 
_refine_hist.pdbx_number_atoms_protein        193 
_refine_hist.pdbx_number_atoms_nucleic_acid   0 
_refine_hist.pdbx_number_atoms_ligand         0 
_refine_hist.number_atoms_solvent             32 
_refine_hist.number_atoms_total               225 
_refine_hist.d_res_high                       1.90 
_refine_hist.d_res_low                        23.03 
# 
loop_
_refine_ls_restr.pdbx_refine_id 
_refine_ls_restr.criterion 
_refine_ls_restr.dev_ideal 
_refine_ls_restr.dev_ideal_target 
_refine_ls_restr.number 
_refine_ls_restr.rejects 
_refine_ls_restr.type 
_refine_ls_restr.weight 
_refine_ls_restr.pdbx_restraint_function 
'X-RAY DIFFRACTION' ? 0.018  0.019  207 ? r_bond_refined_d             ? ? 
'X-RAY DIFFRACTION' ? 0.002  0.020  166 ? r_bond_other_d               ? ? 
'X-RAY DIFFRACTION' ? 1.279  1.902  278 ? r_angle_refined_deg          ? ? 
'X-RAY DIFFRACTION' ? 0.925  3.000  386 ? r_angle_other_deg            ? ? 
'X-RAY DIFFRACTION' ? 8.273  5.000  25  ? r_dihedral_angle_1_deg       ? ? 
'X-RAY DIFFRACTION' ? 26.834 22.143 14  ? r_dihedral_angle_2_deg       ? ? 
'X-RAY DIFFRACTION' ? 13.661 15.000 36  ? r_dihedral_angle_3_deg       ? ? 
'X-RAY DIFFRACTION' ? 27.094 15.000 4   ? r_dihedral_angle_4_deg       ? ? 
'X-RAY DIFFRACTION' ? 0.113  0.200  23  ? r_chiral_restr               ? ? 
'X-RAY DIFFRACTION' ? 0.010  0.020  244 ? r_gen_planes_refined         ? ? 
'X-RAY DIFFRACTION' ? 0.001  0.020  52  ? r_gen_planes_other           ? ? 
'X-RAY DIFFRACTION' ? ?      ?      ?   ? r_nbd_refined                ? ? 
'X-RAY DIFFRACTION' ? ?      ?      ?   ? r_nbd_other                  ? ? 
'X-RAY DIFFRACTION' ? ?      ?      ?   ? r_nbtor_refined              ? ? 
'X-RAY DIFFRACTION' ? ?      ?      ?   ? r_nbtor_other                ? ? 
'X-RAY DIFFRACTION' ? ?      ?      ?   ? r_xyhbond_nbd_refined        ? ? 
'X-RAY DIFFRACTION' ? ?      ?      ?   ? r_xyhbond_nbd_other          ? ? 
'X-RAY DIFFRACTION' ? ?      ?      ?   ? r_metal_ion_refined          ? ? 
'X-RAY DIFFRACTION' ? ?      ?      ?   ? r_metal_ion_other            ? ? 
'X-RAY DIFFRACTION' ? ?      ?      ?   ? r_symmetry_vdw_refined       ? ? 
'X-RAY DIFFRACTION' ? ?      ?      ?   ? r_symmetry_vdw_other         ? ? 
'X-RAY DIFFRACTION' ? ?      ?      ?   ? r_symmetry_hbond_refined     ? ? 
'X-RAY DIFFRACTION' ? ?      ?      ?   ? r_symmetry_hbond_other       ? ? 
'X-RAY DIFFRACTION' ? ?      ?      ?   ? r_symmetry_metal_ion_refined ? ? 
'X-RAY DIFFRACTION' ? ?      ?      ?   ? r_symmetry_metal_ion_other   ? ? 
'X-RAY DIFFRACTION' ? 1.257  1.622  97  ? r_mcbond_it                  ? ? 
'X-RAY DIFFRACTION' ? 1.223  1.620  96  ? r_mcbond_other               ? ? 
'X-RAY DIFFRACTION' ? 1.760  2.741  120 ? r_mcangle_it                 ? ? 
'X-RAY DIFFRACTION' ? 1.762  2.741  121 ? r_mcangle_other              ? ? 
'X-RAY DIFFRACTION' ? 3.904  2.320  110 ? r_scbond_it                  ? ? 
'X-RAY DIFFRACTION' ? 3.922  2.325  109 ? r_scbond_other               ? ? 
'X-RAY DIFFRACTION' ? ?      ?      ?   ? r_scangle_it                 ? ? 
'X-RAY DIFFRACTION' ? 5.624  3.664  157 ? r_scangle_other              ? ? 
'X-RAY DIFFRACTION' ? 5.994  16.290 258 ? r_long_range_B_refined       ? ? 
'X-RAY DIFFRACTION' ? 5.915  15.780 253 ? r_long_range_B_other         ? ? 
'X-RAY DIFFRACTION' ? ?      ?      ?   ? r_rigid_bond_restr           ? ? 
'X-RAY DIFFRACTION' ? ?      ?      ?   ? r_sphericity_free            ? ? 
'X-RAY DIFFRACTION' ? ?      ?      ?   ? r_sphericity_bonded          ? ? 
# 
_refine_ls_shell.pdbx_refine_id                   'X-RAY DIFFRACTION' 
_refine_ls_shell.d_res_high                       1.901 
_refine_ls_shell.d_res_low                        1.950 
_refine_ls_shell.number_reflns_all                ? 
_refine_ls_shell.number_reflns_obs                ? 
_refine_ls_shell.number_reflns_R_free             6 
_refine_ls_shell.number_reflns_R_work             51 
_refine_ls_shell.percent_reflns_obs               46.34 
_refine_ls_shell.percent_reflns_R_free            ? 
_refine_ls_shell.R_factor_all                     ? 
_refine_ls_shell.R_factor_obs                     ? 
_refine_ls_shell.R_factor_R_free                  0.290 
_refine_ls_shell.R_factor_R_free_error            ? 
_refine_ls_shell.R_factor_R_work                  0.177 
_refine_ls_shell.redundancy_reflns_all            ? 
_refine_ls_shell.redundancy_reflns_obs            ? 
_refine_ls_shell.wR_factor_all                    ? 
_refine_ls_shell.wR_factor_obs                    ? 
_refine_ls_shell.wR_factor_R_free                 ? 
_refine_ls_shell.wR_factor_R_work                 ? 
_refine_ls_shell.pdbx_total_number_of_bins_used   20 
_refine_ls_shell.pdbx_phase_error                 ? 
_refine_ls_shell.pdbx_fsc_work                    ? 
_refine_ls_shell.pdbx_fsc_free                    ? 
# 
_struct.entry_id                     6ATS 
_struct.title                        'Exploring Cystine Dense Peptide Space to Open a Unique Molecular Toolbox' 
_struct.pdbx_model_details           ? 
_struct.pdbx_formula_weight          ? 
_struct.pdbx_formula_weight_method   ? 
_struct.pdbx_model_type_details      ? 
_struct.pdbx_CASP_flag               N 
# 
_struct_keywords.entry_id        6ATS 
_struct_keywords.text            'Knottins, Cystine knot, Toxins, TOXIN' 
_struct_keywords.pdbx_keywords   TOXIN 
# 
loop_
_struct_asym.id 
_struct_asym.pdbx_blank_PDB_chainid_flag 
_struct_asym.pdbx_modified 
_struct_asym.entity_id 
_struct_asym.details 
A N N 1 ? 
B N N 2 ? 
# 
_struct_ref.id                         1 
_struct_ref.db_name                    UNP 
_struct_ref.db_code                    KKX12_HETFU 
_struct_ref.pdbx_db_accession          P82851 
_struct_ref.pdbx_db_isoform            ? 
_struct_ref.entity_id                  1 
_struct_ref.pdbx_seq_one_letter_code   GHACYRNCWREGNDEETCKERCG 
_struct_ref.pdbx_align_begin           1 
# 
_struct_ref_seq.align_id                      1 
_struct_ref_seq.ref_id                        1 
_struct_ref_seq.pdbx_PDB_id_code              6ATS 
_struct_ref_seq.pdbx_strand_id                A 
_struct_ref_seq.seq_align_beg                 3 
_struct_ref_seq.pdbx_seq_align_beg_ins_code   ? 
_struct_ref_seq.seq_align_end                 25 
_struct_ref_seq.pdbx_seq_align_end_ins_code   ? 
_struct_ref_seq.pdbx_db_accession             P82851 
_struct_ref_seq.db_align_beg                  1 
_struct_ref_seq.pdbx_db_align_beg_ins_code    ? 
_struct_ref_seq.db_align_end                  23 
_struct_ref_seq.pdbx_db_align_end_ins_code    ? 
_struct_ref_seq.pdbx_auth_seq_align_beg       1 
_struct_ref_seq.pdbx_auth_seq_align_end       23 
# 
loop_
_struct_ref_seq_dif.align_id 
_struct_ref_seq_dif.pdbx_pdb_id_code 
_struct_ref_seq_dif.mon_id 
_struct_ref_seq_dif.pdbx_pdb_strand_id 
_struct_ref_seq_dif.seq_num 
_struct_ref_seq_dif.pdbx_pdb_ins_code 
_struct_ref_seq_dif.pdbx_seq_db_name 
_struct_ref_seq_dif.pdbx_seq_db_accession_code 
_struct_ref_seq_dif.db_mon_id 
_struct_ref_seq_dif.pdbx_seq_db_seq_num 
_struct_ref_seq_dif.details 
_struct_ref_seq_dif.pdbx_auth_seq_num 
_struct_ref_seq_dif.pdbx_ordinal 
1 6ATS GLY A 1 ? UNP P82851 ? ? 'expression tag' -1 1 
1 6ATS SER A 2 ? UNP P82851 ? ? 'expression tag' 0  2 
# 
_pdbx_struct_assembly.id                   1 
_pdbx_struct_assembly.details              author_and_software_defined_assembly 
_pdbx_struct_assembly.method_details       PISA 
_pdbx_struct_assembly.oligomeric_details   monomeric 
_pdbx_struct_assembly.oligomeric_count     1 
# 
_pdbx_struct_assembly_gen.assembly_id       1 
_pdbx_struct_assembly_gen.oper_expression   1 
_pdbx_struct_assembly_gen.asym_id_list      A,B 
# 
_pdbx_struct_assembly_auth_evidence.id                     1 
_pdbx_struct_assembly_auth_evidence.assembly_id            1 
_pdbx_struct_assembly_auth_evidence.experimental_support   none 
_pdbx_struct_assembly_auth_evidence.details                ? 
# 
_pdbx_struct_oper_list.id                   1 
_pdbx_struct_oper_list.type                 'identity operation' 
_pdbx_struct_oper_list.name                 1_555 
_pdbx_struct_oper_list.symmetry_operation   x,y,z 
_pdbx_struct_oper_list.matrix[1][1]         1.0000000000 
_pdbx_struct_oper_list.matrix[1][2]         0.0000000000 
_pdbx_struct_oper_list.matrix[1][3]         0.0000000000 
_pdbx_struct_oper_list.vector[1]            0.0000000000 
_pdbx_struct_oper_list.matrix[2][1]         0.0000000000 
_pdbx_struct_oper_list.matrix[2][2]         1.0000000000 
_pdbx_struct_oper_list.matrix[2][3]         0.0000000000 
_pdbx_struct_oper_list.vector[2]            0.0000000000 
_pdbx_struct_oper_list.matrix[3][1]         0.0000000000 
_pdbx_struct_oper_list.matrix[3][2]         0.0000000000 
_pdbx_struct_oper_list.matrix[3][3]         1.0000000000 
_pdbx_struct_oper_list.vector[3]            0.0000000000 
# 
loop_
_struct_conf.conf_type_id 
_struct_conf.id 
_struct_conf.pdbx_PDB_helix_id 
_struct_conf.beg_label_comp_id 
_struct_conf.beg_label_asym_id 
_struct_conf.beg_label_seq_id 
_struct_conf.pdbx_beg_PDB_ins_code 
_struct_conf.end_label_comp_id 
_struct_conf.end_label_asym_id 
_struct_conf.end_label_seq_id 
_struct_conf.pdbx_end_PDB_ins_code 
_struct_conf.beg_auth_comp_id 
_struct_conf.beg_auth_asym_id 
_struct_conf.beg_auth_seq_id 
_struct_conf.end_auth_comp_id 
_struct_conf.end_auth_asym_id 
_struct_conf.end_auth_seq_id 
_struct_conf.pdbx_PDB_helix_class 
_struct_conf.details 
_struct_conf.pdbx_PDB_helix_length 
HELX_P HELX_P1 AA1 GLY A 1  ? GLU A 13 ? GLY A -1 GLU A 11 1 ? 13 
HELX_P HELX_P2 AA2 ASP A 16 ? CYS A 24 ? ASP A 14 CYS A 22 1 ? 9  
# 
_struct_conf_type.id          HELX_P 
_struct_conf_type.criteria    ? 
_struct_conf_type.reference   ? 
# 
loop_
_struct_conn.id 
_struct_conn.conn_type_id 
_struct_conn.pdbx_leaving_atom_flag 
_struct_conn.pdbx_PDB_id 
_struct_conn.ptnr1_label_asym_id 
_struct_conn.ptnr1_label_comp_id 
_struct_conn.ptnr1_label_seq_id 
_struct_conn.ptnr1_label_atom_id 
_struct_conn.pdbx_ptnr1_label_alt_id 
_struct_conn.pdbx_ptnr1_PDB_ins_code 
_struct_conn.pdbx_ptnr1_standard_comp_id 
_struct_conn.ptnr1_symmetry 
_struct_conn.ptnr2_label_asym_id 
_struct_conn.ptnr2_label_comp_id 
_struct_conn.ptnr2_label_seq_id 
_struct_conn.ptnr2_label_atom_id 
_struct_conn.pdbx_ptnr2_label_alt_id 
_struct_conn.pdbx_ptnr2_PDB_ins_code 
_struct_conn.ptnr1_auth_asym_id 
_struct_conn.ptnr1_auth_comp_id 
_struct_conn.ptnr1_auth_seq_id 
_struct_conn.ptnr2_auth_asym_id 
_struct_conn.ptnr2_auth_comp_id 
_struct_conn.ptnr2_auth_seq_id 
_struct_conn.ptnr2_symmetry 
_struct_conn.pdbx_ptnr3_label_atom_id 
_struct_conn.pdbx_ptnr3_label_seq_id 
_struct_conn.pdbx_ptnr3_label_comp_id 
_struct_conn.pdbx_ptnr3_label_asym_id 
_struct_conn.pdbx_ptnr3_label_alt_id 
_struct_conn.pdbx_ptnr3_PDB_ins_code 
_struct_conn.details 
_struct_conn.pdbx_dist_value 
_struct_conn.pdbx_value_order 
_struct_conn.pdbx_role 
disulf1 disulf ? ? A CYS 6  SG ? ? ? 1_555 A CYS 24 SG ? ? A CYS 4 A CYS 22 1_555 ? ? ? ? ? ? ? 2.054 ? ? 
disulf2 disulf ? ? A CYS 10 SG ? ? ? 1_555 A CYS 20 SG ? ? A CYS 8 A CYS 18 1_555 ? ? ? ? ? ? ? 2.029 ? ? 
# 
_struct_conn_type.id          disulf 
_struct_conn_type.criteria    ? 
_struct_conn_type.reference   ? 
# 
loop_
_pdbx_modification_feature.ordinal 
_pdbx_modification_feature.label_comp_id 
_pdbx_modification_feature.label_asym_id 
_pdbx_modification_feature.label_seq_id 
_pdbx_modification_feature.label_alt_id 
_pdbx_modification_feature.modified_residue_label_comp_id 
_pdbx_modification_feature.modified_residue_label_asym_id 
_pdbx_modification_feature.modified_residue_label_seq_id 
_pdbx_modification_feature.modified_residue_label_alt_id 
_pdbx_modification_feature.auth_comp_id 
_pdbx_modification_feature.auth_asym_id 
_pdbx_modification_feature.auth_seq_id 
_pdbx_modification_feature.PDB_ins_code 
_pdbx_modification_feature.symmetry 
_pdbx_modification_feature.modified_residue_auth_comp_id 
_pdbx_modification_feature.modified_residue_auth_asym_id 
_pdbx_modification_feature.modified_residue_auth_seq_id 
_pdbx_modification_feature.modified_residue_PDB_ins_code 
_pdbx_modification_feature.modified_residue_symmetry 
_pdbx_modification_feature.comp_id_linking_atom 
_pdbx_modification_feature.modified_residue_id_linking_atom 
_pdbx_modification_feature.modified_residue_id 
_pdbx_modification_feature.ref_pcm_id 
_pdbx_modification_feature.ref_comp_id 
_pdbx_modification_feature.type 
_pdbx_modification_feature.category 
1 CYS A 6  ? CYS A 24 ? CYS A 4 ? 1_555 CYS A 22 ? 1_555 SG SG . . . None 'Disulfide bridge' 
2 CYS A 10 ? CYS A 20 ? CYS A 8 ? 1_555 CYS A 18 ? 1_555 SG SG . . . None 'Disulfide bridge' 
# 
_pdbx_entry_details.entry_id                   6ATS 
_pdbx_entry_details.compound_details           ? 
_pdbx_entry_details.source_details             ? 
_pdbx_entry_details.nonpolymer_details         ? 
_pdbx_entry_details.sequence_details           ? 
_pdbx_entry_details.has_ligand_of_interest     ? 
_pdbx_entry_details.has_protein_modification   Y 
# 
loop_
_pdbx_validate_symm_contact.id 
_pdbx_validate_symm_contact.PDB_model_num 
_pdbx_validate_symm_contact.auth_atom_id_1 
_pdbx_validate_symm_contact.auth_asym_id_1 
_pdbx_validate_symm_contact.auth_comp_id_1 
_pdbx_validate_symm_contact.auth_seq_id_1 
_pdbx_validate_symm_contact.PDB_ins_code_1 
_pdbx_validate_symm_contact.label_alt_id_1 
_pdbx_validate_symm_contact.site_symmetry_1 
_pdbx_validate_symm_contact.auth_atom_id_2 
_pdbx_validate_symm_contact.auth_asym_id_2 
_pdbx_validate_symm_contact.auth_comp_id_2 
_pdbx_validate_symm_contact.auth_seq_id_2 
_pdbx_validate_symm_contact.PDB_ins_code_2 
_pdbx_validate_symm_contact.label_alt_id_2 
_pdbx_validate_symm_contact.site_symmetry_2 
_pdbx_validate_symm_contact.dist 
1 1 O A HOH 102 ? ? 1_555 O A HOH 102 ? ? 2_758 0.46 
2 1 O A HOH 104 ? ? 1_555 O A HOH 104 ? ? 2_758 0.88 
3 1 O A HOH 131 ? ? 1_555 O A HOH 131 ? ? 2_758 1.33 
4 1 O A HOH 128 ? ? 1_555 O A HOH 128 ? ? 2_757 1.71 
5 1 O A HOH 110 ? ? 1_555 O A HOH 110 ? ? 2_757 1.72 
# 
_pdbx_unobs_or_zero_occ_residues.id               1 
_pdbx_unobs_or_zero_occ_residues.PDB_model_num    1 
_pdbx_unobs_or_zero_occ_residues.polymer_flag     Y 
_pdbx_unobs_or_zero_occ_residues.occupancy_flag   1 
_pdbx_unobs_or_zero_occ_residues.auth_asym_id     A 
_pdbx_unobs_or_zero_occ_residues.auth_comp_id     GLY 
_pdbx_unobs_or_zero_occ_residues.auth_seq_id      23 
_pdbx_unobs_or_zero_occ_residues.PDB_ins_code     ? 
_pdbx_unobs_or_zero_occ_residues.label_asym_id    A 
_pdbx_unobs_or_zero_occ_residues.label_comp_id    GLY 
_pdbx_unobs_or_zero_occ_residues.label_seq_id     25 
# 
loop_
_chem_comp_atom.comp_id 
_chem_comp_atom.atom_id 
_chem_comp_atom.type_symbol 
_chem_comp_atom.pdbx_aromatic_flag 
_chem_comp_atom.pdbx_stereo_config 
_chem_comp_atom.pdbx_ordinal 
ALA N    N N N 1   
ALA CA   C N S 2   
ALA C    C N N 3   
ALA O    O N N 4   
ALA CB   C N N 5   
ALA OXT  O N N 6   
ALA H    H N N 7   
ALA H2   H N N 8   
ALA HA   H N N 9   
ALA HB1  H N N 10  
ALA HB2  H N N 11  
ALA HB3  H N N 12  
ALA HXT  H N N 13  
ARG N    N N N 14  
ARG CA   C N S 15  
ARG C    C N N 16  
ARG O    O N N 17  
ARG CB   C N N 18  
ARG CG   C N N 19  
ARG CD   C N N 20  
ARG NE   N N N 21  
ARG CZ   C N N 22  
ARG NH1  N N N 23  
ARG NH2  N N N 24  
ARG OXT  O N N 25  
ARG H    H N N 26  
ARG H2   H N N 27  
ARG HA   H N N 28  
ARG HB2  H N N 29  
ARG HB3  H N N 30  
ARG HG2  H N N 31  
ARG HG3  H N N 32  
ARG HD2  H N N 33  
ARG HD3  H N N 34  
ARG HE   H N N 35  
ARG HH11 H N N 36  
ARG HH12 H N N 37  
ARG HH21 H N N 38  
ARG HH22 H N N 39  
ARG HXT  H N N 40  
ASN N    N N N 41  
ASN CA   C N S 42  
ASN C    C N N 43  
ASN O    O N N 44  
ASN CB   C N N 45  
ASN CG   C N N 46  
ASN OD1  O N N 47  
ASN ND2  N N N 48  
ASN OXT  O N N 49  
ASN H    H N N 50  
ASN H2   H N N 51  
ASN HA   H N N 52  
ASN HB2  H N N 53  
ASN HB3  H N N 54  
ASN HD21 H N N 55  
ASN HD22 H N N 56  
ASN HXT  H N N 57  
ASP N    N N N 58  
ASP CA   C N S 59  
ASP C    C N N 60  
ASP O    O N N 61  
ASP CB   C N N 62  
ASP CG   C N N 63  
ASP OD1  O N N 64  
ASP OD2  O N N 65  
ASP OXT  O N N 66  
ASP H    H N N 67  
ASP H2   H N N 68  
ASP HA   H N N 69  
ASP HB2  H N N 70  
ASP HB3  H N N 71  
ASP HD2  H N N 72  
ASP HXT  H N N 73  
CYS N    N N N 74  
CYS CA   C N R 75  
CYS C    C N N 76  
CYS O    O N N 77  
CYS CB   C N N 78  
CYS SG   S N N 79  
CYS OXT  O N N 80  
CYS H    H N N 81  
CYS H2   H N N 82  
CYS HA   H N N 83  
CYS HB2  H N N 84  
CYS HB3  H N N 85  
CYS HG   H N N 86  
CYS HXT  H N N 87  
GLU N    N N N 88  
GLU CA   C N S 89  
GLU C    C N N 90  
GLU O    O N N 91  
GLU CB   C N N 92  
GLU CG   C N N 93  
GLU CD   C N N 94  
GLU OE1  O N N 95  
GLU OE2  O N N 96  
GLU OXT  O N N 97  
GLU H    H N N 98  
GLU H2   H N N 99  
GLU HA   H N N 100 
GLU HB2  H N N 101 
GLU HB3  H N N 102 
GLU HG2  H N N 103 
GLU HG3  H N N 104 
GLU HE2  H N N 105 
GLU HXT  H N N 106 
GLY N    N N N 107 
GLY CA   C N N 108 
GLY C    C N N 109 
GLY O    O N N 110 
GLY OXT  O N N 111 
GLY H    H N N 112 
GLY H2   H N N 113 
GLY HA2  H N N 114 
GLY HA3  H N N 115 
GLY HXT  H N N 116 
HIS N    N N N 117 
HIS CA   C N S 118 
HIS C    C N N 119 
HIS O    O N N 120 
HIS CB   C N N 121 
HIS CG   C Y N 122 
HIS ND1  N Y N 123 
HIS CD2  C Y N 124 
HIS CE1  C Y N 125 
HIS NE2  N Y N 126 
HIS OXT  O N N 127 
HIS H    H N N 128 
HIS H2   H N N 129 
HIS HA   H N N 130 
HIS HB2  H N N 131 
HIS HB3  H N N 132 
HIS HD1  H N N 133 
HIS HD2  H N N 134 
HIS HE1  H N N 135 
HIS HE2  H N N 136 
HIS HXT  H N N 137 
HOH O    O N N 138 
HOH H1   H N N 139 
HOH H2   H N N 140 
LYS N    N N N 141 
LYS CA   C N S 142 
LYS C    C N N 143 
LYS O    O N N 144 
LYS CB   C N N 145 
LYS CG   C N N 146 
LYS CD   C N N 147 
LYS CE   C N N 148 
LYS NZ   N N N 149 
LYS OXT  O N N 150 
LYS H    H N N 151 
LYS H2   H N N 152 
LYS HA   H N N 153 
LYS HB2  H N N 154 
LYS HB3  H N N 155 
LYS HG2  H N N 156 
LYS HG3  H N N 157 
LYS HD2  H N N 158 
LYS HD3  H N N 159 
LYS HE2  H N N 160 
LYS HE3  H N N 161 
LYS HZ1  H N N 162 
LYS HZ2  H N N 163 
LYS HZ3  H N N 164 
LYS HXT  H N N 165 
SER N    N N N 166 
SER CA   C N S 167 
SER C    C N N 168 
SER O    O N N 169 
SER CB   C N N 170 
SER OG   O N N 171 
SER OXT  O N N 172 
SER H    H N N 173 
SER H2   H N N 174 
SER HA   H N N 175 
SER HB2  H N N 176 
SER HB3  H N N 177 
SER HG   H N N 178 
SER HXT  H N N 179 
THR N    N N N 180 
THR CA   C N S 181 
THR C    C N N 182 
THR O    O N N 183 
THR CB   C N R 184 
THR OG1  O N N 185 
THR CG2  C N N 186 
THR OXT  O N N 187 
THR H    H N N 188 
THR H2   H N N 189 
THR HA   H N N 190 
THR HB   H N N 191 
THR HG1  H N N 192 
THR HG21 H N N 193 
THR HG22 H N N 194 
THR HG23 H N N 195 
THR HXT  H N N 196 
TRP N    N N N 197 
TRP CA   C N S 198 
TRP C    C N N 199 
TRP O    O N N 200 
TRP CB   C N N 201 
TRP CG   C Y N 202 
TRP CD1  C Y N 203 
TRP CD2  C Y N 204 
TRP NE1  N Y N 205 
TRP CE2  C Y N 206 
TRP CE3  C Y N 207 
TRP CZ2  C Y N 208 
TRP CZ3  C Y N 209 
TRP CH2  C Y N 210 
TRP OXT  O N N 211 
TRP H    H N N 212 
TRP H2   H N N 213 
TRP HA   H N N 214 
TRP HB2  H N N 215 
TRP HB3  H N N 216 
TRP HD1  H N N 217 
TRP HE1  H N N 218 
TRP HE3  H N N 219 
TRP HZ2  H N N 220 
TRP HZ3  H N N 221 
TRP HH2  H N N 222 
TRP HXT  H N N 223 
TYR N    N N N 224 
TYR CA   C N S 225 
TYR C    C N N 226 
TYR O    O N N 227 
TYR CB   C N N 228 
TYR CG   C Y N 229 
TYR CD1  C Y N 230 
TYR CD2  C Y N 231 
TYR CE1  C Y N 232 
TYR CE2  C Y N 233 
TYR CZ   C Y N 234 
TYR OH   O N N 235 
TYR OXT  O N N 236 
TYR H    H N N 237 
TYR H2   H N N 238 
TYR HA   H N N 239 
TYR HB2  H N N 240 
TYR HB3  H N N 241 
TYR HD1  H N N 242 
TYR HD2  H N N 243 
TYR HE1  H N N 244 
TYR HE2  H N N 245 
TYR HH   H N N 246 
TYR HXT  H N N 247 
# 
loop_
_chem_comp_bond.comp_id 
_chem_comp_bond.atom_id_1 
_chem_comp_bond.atom_id_2 
_chem_comp_bond.value_order 
_chem_comp_bond.pdbx_aromatic_flag 
_chem_comp_bond.pdbx_stereo_config 
_chem_comp_bond.pdbx_ordinal 
ALA N   CA   sing N N 1   
ALA N   H    sing N N 2   
ALA N   H2   sing N N 3   
ALA CA  C    sing N N 4   
ALA CA  CB   sing N N 5   
ALA CA  HA   sing N N 6   
ALA C   O    doub N N 7   
ALA C   OXT  sing N N 8   
ALA CB  HB1  sing N N 9   
ALA CB  HB2  sing N N 10  
ALA CB  HB3  sing N N 11  
ALA OXT HXT  sing N N 12  
ARG N   CA   sing N N 13  
ARG N   H    sing N N 14  
ARG N   H2   sing N N 15  
ARG CA  C    sing N N 16  
ARG CA  CB   sing N N 17  
ARG CA  HA   sing N N 18  
ARG C   O    doub N N 19  
ARG C   OXT  sing N N 20  
ARG CB  CG   sing N N 21  
ARG CB  HB2  sing N N 22  
ARG CB  HB3  sing N N 23  
ARG CG  CD   sing N N 24  
ARG CG  HG2  sing N N 25  
ARG CG  HG3  sing N N 26  
ARG CD  NE   sing N N 27  
ARG CD  HD2  sing N N 28  
ARG CD  HD3  sing N N 29  
ARG NE  CZ   sing N N 30  
ARG NE  HE   sing N N 31  
ARG CZ  NH1  sing N N 32  
ARG CZ  NH2  doub N N 33  
ARG NH1 HH11 sing N N 34  
ARG NH1 HH12 sing N N 35  
ARG NH2 HH21 sing N N 36  
ARG NH2 HH22 sing N N 37  
ARG OXT HXT  sing N N 38  
ASN N   CA   sing N N 39  
ASN N   H    sing N N 40  
ASN N   H2   sing N N 41  
ASN CA  C    sing N N 42  
ASN CA  CB   sing N N 43  
ASN CA  HA   sing N N 44  
ASN C   O    doub N N 45  
ASN C   OXT  sing N N 46  
ASN CB  CG   sing N N 47  
ASN CB  HB2  sing N N 48  
ASN CB  HB3  sing N N 49  
ASN CG  OD1  doub N N 50  
ASN CG  ND2  sing N N 51  
ASN ND2 HD21 sing N N 52  
ASN ND2 HD22 sing N N 53  
ASN OXT HXT  sing N N 54  
ASP N   CA   sing N N 55  
ASP N   H    sing N N 56  
ASP N   H2   sing N N 57  
ASP CA  C    sing N N 58  
ASP CA  CB   sing N N 59  
ASP CA  HA   sing N N 60  
ASP C   O    doub N N 61  
ASP C   OXT  sing N N 62  
ASP CB  CG   sing N N 63  
ASP CB  HB2  sing N N 64  
ASP CB  HB3  sing N N 65  
ASP CG  OD1  doub N N 66  
ASP CG  OD2  sing N N 67  
ASP OD2 HD2  sing N N 68  
ASP OXT HXT  sing N N 69  
CYS N   CA   sing N N 70  
CYS N   H    sing N N 71  
CYS N   H2   sing N N 72  
CYS CA  C    sing N N 73  
CYS CA  CB   sing N N 74  
CYS CA  HA   sing N N 75  
CYS C   O    doub N N 76  
CYS C   OXT  sing N N 77  
CYS CB  SG   sing N N 78  
CYS CB  HB2  sing N N 79  
CYS CB  HB3  sing N N 80  
CYS SG  HG   sing N N 81  
CYS OXT HXT  sing N N 82  
GLU N   CA   sing N N 83  
GLU N   H    sing N N 84  
GLU N   H2   sing N N 85  
GLU CA  C    sing N N 86  
GLU CA  CB   sing N N 87  
GLU CA  HA   sing N N 88  
GLU C   O    doub N N 89  
GLU C   OXT  sing N N 90  
GLU CB  CG   sing N N 91  
GLU CB  HB2  sing N N 92  
GLU CB  HB3  sing N N 93  
GLU CG  CD   sing N N 94  
GLU CG  HG2  sing N N 95  
GLU CG  HG3  sing N N 96  
GLU CD  OE1  doub N N 97  
GLU CD  OE2  sing N N 98  
GLU OE2 HE2  sing N N 99  
GLU OXT HXT  sing N N 100 
GLY N   CA   sing N N 101 
GLY N   H    sing N N 102 
GLY N   H2   sing N N 103 
GLY CA  C    sing N N 104 
GLY CA  HA2  sing N N 105 
GLY CA  HA3  sing N N 106 
GLY C   O    doub N N 107 
GLY C   OXT  sing N N 108 
GLY OXT HXT  sing N N 109 
HIS N   CA   sing N N 110 
HIS N   H    sing N N 111 
HIS N   H2   sing N N 112 
HIS CA  C    sing N N 113 
HIS CA  CB   sing N N 114 
HIS CA  HA   sing N N 115 
HIS C   O    doub N N 116 
HIS C   OXT  sing N N 117 
HIS CB  CG   sing N N 118 
HIS CB  HB2  sing N N 119 
HIS CB  HB3  sing N N 120 
HIS CG  ND1  sing Y N 121 
HIS CG  CD2  doub Y N 122 
HIS ND1 CE1  doub Y N 123 
HIS ND1 HD1  sing N N 124 
HIS CD2 NE2  sing Y N 125 
HIS CD2 HD2  sing N N 126 
HIS CE1 NE2  sing Y N 127 
HIS CE1 HE1  sing N N 128 
HIS NE2 HE2  sing N N 129 
HIS OXT HXT  sing N N 130 
HOH O   H1   sing N N 131 
HOH O   H2   sing N N 132 
LYS N   CA   sing N N 133 
LYS N   H    sing N N 134 
LYS N   H2   sing N N 135 
LYS CA  C    sing N N 136 
LYS CA  CB   sing N N 137 
LYS CA  HA   sing N N 138 
LYS C   O    doub N N 139 
LYS C   OXT  sing N N 140 
LYS CB  CG   sing N N 141 
LYS CB  HB2  sing N N 142 
LYS CB  HB3  sing N N 143 
LYS CG  CD   sing N N 144 
LYS CG  HG2  sing N N 145 
LYS CG  HG3  sing N N 146 
LYS CD  CE   sing N N 147 
LYS CD  HD2  sing N N 148 
LYS CD  HD3  sing N N 149 
LYS CE  NZ   sing N N 150 
LYS CE  HE2  sing N N 151 
LYS CE  HE3  sing N N 152 
LYS NZ  HZ1  sing N N 153 
LYS NZ  HZ2  sing N N 154 
LYS NZ  HZ3  sing N N 155 
LYS OXT HXT  sing N N 156 
SER N   CA   sing N N 157 
SER N   H    sing N N 158 
SER N   H2   sing N N 159 
SER CA  C    sing N N 160 
SER CA  CB   sing N N 161 
SER CA  HA   sing N N 162 
SER C   O    doub N N 163 
SER C   OXT  sing N N 164 
SER CB  OG   sing N N 165 
SER CB  HB2  sing N N 166 
SER CB  HB3  sing N N 167 
SER OG  HG   sing N N 168 
SER OXT HXT  sing N N 169 
THR N   CA   sing N N 170 
THR N   H    sing N N 171 
THR N   H2   sing N N 172 
THR CA  C    sing N N 173 
THR CA  CB   sing N N 174 
THR CA  HA   sing N N 175 
THR C   O    doub N N 176 
THR C   OXT  sing N N 177 
THR CB  OG1  sing N N 178 
THR CB  CG2  sing N N 179 
THR CB  HB   sing N N 180 
THR OG1 HG1  sing N N 181 
THR CG2 HG21 sing N N 182 
THR CG2 HG22 sing N N 183 
THR CG2 HG23 sing N N 184 
THR OXT HXT  sing N N 185 
TRP N   CA   sing N N 186 
TRP N   H    sing N N 187 
TRP N   H2   sing N N 188 
TRP CA  C    sing N N 189 
TRP CA  CB   sing N N 190 
TRP CA  HA   sing N N 191 
TRP C   O    doub N N 192 
TRP C   OXT  sing N N 193 
TRP CB  CG   sing N N 194 
TRP CB  HB2  sing N N 195 
TRP CB  HB3  sing N N 196 
TRP CG  CD1  doub Y N 197 
TRP CG  CD2  sing Y N 198 
TRP CD1 NE1  sing Y N 199 
TRP CD1 HD1  sing N N 200 
TRP CD2 CE2  doub Y N 201 
TRP CD2 CE3  sing Y N 202 
TRP NE1 CE2  sing Y N 203 
TRP NE1 HE1  sing N N 204 
TRP CE2 CZ2  sing Y N 205 
TRP CE3 CZ3  doub Y N 206 
TRP CE3 HE3  sing N N 207 
TRP CZ2 CH2  doub Y N 208 
TRP CZ2 HZ2  sing N N 209 
TRP CZ3 CH2  sing Y N 210 
TRP CZ3 HZ3  sing N N 211 
TRP CH2 HH2  sing N N 212 
TRP OXT HXT  sing N N 213 
TYR N   CA   sing N N 214 
TYR N   H    sing N N 215 
TYR N   H2   sing N N 216 
TYR CA  C    sing N N 217 
TYR CA  CB   sing N N 218 
TYR CA  HA   sing N N 219 
TYR C   O    doub N N 220 
TYR C   OXT  sing N N 221 
TYR CB  CG   sing N N 222 
TYR CB  HB2  sing N N 223 
TYR CB  HB3  sing N N 224 
TYR CG  CD1  doub Y N 225 
TYR CG  CD2  sing Y N 226 
TYR CD1 CE1  sing Y N 227 
TYR CD1 HD1  sing N N 228 
TYR CD2 CE2  doub Y N 229 
TYR CD2 HD2  sing N N 230 
TYR CE1 CZ   doub Y N 231 
TYR CE1 HE1  sing N N 232 
TYR CE2 CZ   sing Y N 233 
TYR CE2 HE2  sing N N 234 
TYR CZ  OH   sing N N 235 
TYR OH  HH   sing N N 236 
TYR OXT HXT  sing N N 237 
# 
_atom_sites.entry_id                    6ATS 
_atom_sites.fract_transf_matrix[1][1]   0.02149337 
_atom_sites.fract_transf_matrix[1][2]   0.00179337 
_atom_sites.fract_transf_matrix[1][3]   0.00250806 
_atom_sites.fract_transf_matrix[2][1]   0.00375173 
_atom_sites.fract_transf_matrix[2][2]   -0.04673063 
_atom_sites.fract_transf_matrix[2][3]   0.00126303 
_atom_sites.fract_transf_matrix[3][1]   0.00796910 
_atom_sites.fract_transf_matrix[3][2]   -0.00067084 
_atom_sites.fract_transf_matrix[3][3]   -0.04849197 
_atom_sites.fract_transf_vector[1]      1.149167 
_atom_sites.fract_transf_vector[2]      0.187219 
_atom_sites.fract_transf_vector[3]      1.101695 
# 
loop_
_atom_type.symbol 
C 
N 
O 
S 
# 
loop_
_atom_site.group_PDB 
_atom_site.id 
_atom_site.type_symbol 
_atom_site.label_atom_id 
_atom_site.label_alt_id 
_atom_site.label_comp_id 
_atom_site.label_asym_id 
_atom_site.label_entity_id 
_atom_site.label_seq_id 
_atom_site.pdbx_PDB_ins_code 
_atom_site.Cartn_x 
_atom_site.Cartn_y 
_atom_site.Cartn_z 
_atom_site.occupancy 
_atom_site.B_iso_or_equiv 
_atom_site.pdbx_formal_charge 
_atom_site.auth_seq_id 
_atom_site.auth_comp_id 
_atom_site.auth_asym_id 
_atom_site.auth_atom_id 
_atom_site.pdbx_PDB_model_num 
ATOM   1   N N   . GLY A 1 1  ? -7.982 -4.840 8.010   1.00 10.44 ? -1  GLY A N   1 
ATOM   2   C CA  . GLY A 1 1  ? -7.338 -6.145 7.954   1.00 10.32 ? -1  GLY A CA  1 
ATOM   3   C C   . GLY A 1 1  ? -6.157 -6.094 6.977   1.00 11.78 ? -1  GLY A C   1 
ATOM   4   O O   . GLY A 1 1  ? -5.478 -5.080 6.845   1.00 10.80 ? -1  GLY A O   1 
ATOM   5   N N   . SER A 1 2  ? -5.880 -7.225 6.336   1.00 13.71 ? 0   SER A N   1 
ATOM   6   C CA  . SER A 1 2  ? -4.612 -7.462 5.681   1.00 13.34 ? 0   SER A CA  1 
ATOM   7   C C   . SER A 1 2  ? -4.435 -6.595 4.443   1.00 13.14 ? 0   SER A C   1 
ATOM   8   O O   . SER A 1 2  ? -3.324 -6.145 4.152   1.00 12.26 ? 0   SER A O   1 
ATOM   9   C CB  . SER A 1 2  ? -4.463 -8.942 5.361   1.00 15.92 ? 0   SER A CB  1 
ATOM   10  O OG  . SER A 1 2  ? -5.282 -9.283 4.276   1.00 22.41 ? 0   SER A OG  1 
ATOM   11  N N   . GLY A 1 3  ? -5.520 -6.313 3.724   1.00 11.91 ? 1   GLY A N   1 
ATOM   12  C CA  . GLY A 1 3  ? -5.452 -5.378 2.596   1.00 14.10 ? 1   GLY A CA  1 
ATOM   13  C C   . GLY A 1 3  ? -5.052 -4.001 3.047   1.00 12.27 ? 1   GLY A C   1 
ATOM   14  O O   . GLY A 1 3  ? -4.158 -3.398 2.501   1.00 14.07 ? 1   GLY A O   1 
ATOM   15  N N   . HIS A 1 4  ? -5.726 -3.505 4.061   1.00 11.61 ? 2   HIS A N   1 
ATOM   16  C CA  . HIS A 1 4  ? -5.382 -2.207 4.639   1.00 12.13 ? 2   HIS A CA  1 
ATOM   17  C C   . HIS A 1 4  ? -3.888 -2.181 5.105   1.00 10.85 ? 2   HIS A C   1 
ATOM   18  O O   . HIS A 1 4  ? -3.186 -1.200 4.918   1.00 10.33 ? 2   HIS A O   1 
ATOM   19  C CB  . HIS A 1 4  ? -6.316 -1.919 5.841   1.00 14.66 ? 2   HIS A CB  1 
ATOM   20  C CG  . HIS A 1 4  ? -5.943 -0.690 6.617   1.00 14.45 ? 2   HIS A CG  1 
ATOM   21  N ND1 . HIS A 1 4  ? -5.867 -0.676 8.003   1.00 14.29 ? 2   HIS A ND1 1 
ATOM   22  C CD2 . HIS A 1 4  ? -5.643 0.563  6.202   1.00 14.22 ? 2   HIS A CD2 1 
ATOM   23  C CE1 . HIS A 1 4  ? -5.563 0.551  8.398   1.00 17.57 ? 2   HIS A CE1 1 
ATOM   24  N NE2 . HIS A 1 4  ? -5.406 1.314  7.322   1.00 16.34 ? 2   HIS A NE2 1 
ATOM   25  N N   . ALA A 1 5  ? -3.485 -3.233 5.805   1.00 11.15 ? 3   ALA A N   1 
ATOM   26  C CA  . ALA A 1 5  ? -2.134 -3.385 6.349   1.00 10.94 ? 3   ALA A CA  1 
ATOM   27  C C   . ALA A 1 5  ? -1.135 -3.330 5.205   1.00 10.16 ? 3   ALA A C   1 
ATOM   28  O O   . ALA A 1 5  ? -0.146 -2.614 5.288   1.00 10.73 ? 3   ALA A O   1 
ATOM   29  C CB  . ALA A 1 5  ? -2.004 -4.723 7.108   1.00 11.65 ? 3   ALA A CB  1 
ATOM   30  N N   . CYS A 1 6  ? -1.364 -4.160 4.184   1.00 10.81 ? 4   CYS A N   1 
ATOM   31  C CA  . CYS A 1 6  ? -0.616 -4.074 2.940   1.00 10.96 ? 4   CYS A CA  1 
ATOM   32  C C   . CYS A 1 6  ? -0.481 -2.639 2.441   1.00 10.36 ? 4   CYS A C   1 
ATOM   33  O O   . CYS A 1 6  ? 0.617  -2.175 2.128   1.00 10.83 ? 4   CYS A O   1 
ATOM   34  C CB  . CYS A 1 6  ? -1.254 -4.957 1.875   1.00 10.58 ? 4   CYS A CB  1 
ATOM   35  S SG  . CYS A 1 6  ? -0.434 -4.996 0.285   1.00 11.22 ? 4   CYS A SG  1 
ATOM   36  N N   . TYR A 1 7  ? -1.606 -1.974 2.288   1.00 10.77 ? 5   TYR A N   1 
ATOM   37  C CA  . TYR A 1 7  ? -1.631 -0.669 1.669   1.00 11.76 ? 5   TYR A CA  1 
ATOM   38  C C   . TYR A 1 7  ? -0.808 0.373  2.474   1.00 10.03 ? 5   TYR A C   1 
ATOM   39  O O   . TYR A 1 7  ? -0.058 1.129  1.904   1.00 8.33  ? 5   TYR A O   1 
ATOM   40  C CB  . TYR A 1 7  ? -3.095 -0.204 1.436   1.00 13.55 ? 5   TYR A CB  1 
ATOM   41  C CG  . TYR A 1 7  ? -3.153 1.109  0.734   1.00 15.18 ? 5   TYR A CG  1 
ATOM   42  C CD1 . TYR A 1 7  ? -2.973 2.301  1.437   1.00 16.07 ? 5   TYR A CD1 1 
ATOM   43  C CD2 . TYR A 1 7  ? -3.326 1.165  -0.657  1.00 16.88 ? 5   TYR A CD2 1 
ATOM   44  C CE1 . TYR A 1 7  ? -2.948 3.519  0.769   1.00 21.67 ? 5   TYR A CE1 1 
ATOM   45  C CE2 . TYR A 1 7  ? -3.336 2.374  -1.315  1.00 17.84 ? 5   TYR A CE2 1 
ATOM   46  C CZ  . TYR A 1 7  ? -3.160 3.536  -0.608  1.00 19.37 ? 5   TYR A CZ  1 
ATOM   47  O OH  . TYR A 1 7  ? -3.132 4.723  -1.284  1.00 24.43 ? 5   TYR A OH  1 
ATOM   48  N N   . ARG A 1 8  ? -0.925 0.366  3.812   1.00 12.90 ? 6   ARG A N   1 
ATOM   49  C CA  . ARG A 1 8  ? -0.174 1.321  4.641   1.00 14.08 ? 6   ARG A CA  1 
ATOM   50  C C   . ARG A 1 8  ? 1.349  1.117  4.540   1.00 11.96 ? 6   ARG A C   1 
ATOM   51  O O   . ARG A 1 8  ? 2.101  2.055  4.478   1.00 11.13 ? 6   ARG A O   1 
ATOM   52  C CB  . ARG A 1 8  ? -0.611 1.242  6.127   1.00 22.08 ? 6   ARG A CB  1 
ATOM   53  C CG  . ARG A 1 8  ? -1.825 2.078  6.506   1.00 31.08 ? 6   ARG A CG  1 
ATOM   54  C CD  . ARG A 1 8  ? -1.461 3.566  6.737   1.00 40.30 ? 6   ARG A CD  1 
ATOM   55  N NE  . ARG A 1 8  ? -1.772 4.383  5.550   1.00 51.72 ? 6   ARG A NE  1 
ATOM   56  C CZ  . ARG A 1 8  ? -1.201 5.564  5.221   1.00 47.93 ? 6   ARG A CZ  1 
ATOM   57  N NH1 . ARG A 1 8  ? -1.613 6.166  4.095   1.00 44.20 ? 6   ARG A NH1 1 
ATOM   58  N NH2 . ARG A 1 8  ? -0.240 6.162  5.996   1.00 28.68 ? 6   ARG A NH2 1 
ATOM   59  N N   . ASN A 1 9  ? 1.791  -0.122 4.543   1.00 11.93 ? 7   ASN A N   1 
ATOM   60  C CA  . ASN A 1 9  ? 3.188  -0.432 4.326   1.00 10.84 ? 7   ASN A CA  1 
ATOM   61  C C   . ASN A 1 9  ? 3.650  -0.046 2.957   1.00 10.66 ? 7   ASN A C   1 
ATOM   62  O O   . ASN A 1 9  ? 4.784  0.417  2.797   1.00 10.83 ? 7   ASN A O   1 
ATOM   63  C CB  . ASN A 1 9  ? 3.486  -1.946 4.551   1.00 10.06 ? 7   ASN A CB  1 
ATOM   64  C CG  . ASN A 1 9  ? 3.878  -2.272 5.995   1.00 11.47 ? 7   ASN A CG  1 
ATOM   65  O OD1 . ASN A 1 9  ? 3.816  -1.437 6.888   1.00 12.66 ? 7   ASN A OD1 1 
ATOM   66  N ND2 . ASN A 1 9  ? 4.314  -3.467 6.201   1.00 9.07  ? 7   ASN A ND2 1 
ATOM   67  N N   . CYS A 1 10 ? 2.826  -0.310 1.965   1.00 9.73  ? 8   CYS A N   1 
ATOM   68  C CA  . CYS A 1 10 ? 3.157  0.069  0.607   1.00 10.07 ? 8   CYS A CA  1 
ATOM   69  C C   . CYS A 1 10 ? 3.328  1.590  0.444   1.00 11.20 ? 8   CYS A C   1 
ATOM   70  O O   . CYS A 1 10 ? 4.275  2.073  -0.210  1.00 9.93  ? 8   CYS A O   1 
ATOM   71  C CB  . CYS A 1 10 ? 2.118  -0.493 -0.378  1.00 9.90  ? 8   CYS A CB  1 
ATOM   72  S SG  . CYS A 1 10 ? 2.399  -0.129 -2.144  1.00 9.75  ? 8   CYS A SG  1 
ATOM   73  N N   . TRP A 1 11 ? 2.375  2.344  0.957   1.00 13.45 ? 9   TRP A N   1 
ATOM   74  C CA  . TRP A 1 11 ? 2.481  3.799  0.972   1.00 12.81 ? 9   TRP A CA  1 
ATOM   75  C C   . TRP A 1 11 ? 3.678  4.249  1.803   1.00 13.81 ? 9   TRP A C   1 
ATOM   76  O O   . TRP A 1 11 ? 4.427  5.150  1.406   1.00 15.73 ? 9   TRP A O   1 
ATOM   77  C CB  . TRP A 1 11 ? 1.214  4.389  1.562   1.00 17.38 ? 9   TRP A CB  1 
ATOM   78  C CG  . TRP A 1 11 ? 1.201  5.846  1.613   1.00 15.97 ? 9   TRP A CG  1 
ATOM   79  C CD1 . TRP A 1 11 ? 1.514  6.630  2.689   1.00 15.59 ? 9   TRP A CD1 1 
ATOM   80  C CD2 . TRP A 1 11 ? 0.930  6.747  0.518   1.00 13.83 ? 9   TRP A CD2 1 
ATOM   81  N NE1 . TRP A 1 11 ? 1.435  7.970  2.335   1.00 14.77 ? 9   TRP A NE1 1 
ATOM   82  C CE2 . TRP A 1 11 ? 1.067  8.069  1.019   1.00 14.75 ? 9   TRP A CE2 1 
ATOM   83  C CE3 . TRP A 1 11 ? 0.621  6.569  -0.826  1.00 15.25 ? 9   TRP A CE3 1 
ATOM   84  C CZ2 . TRP A 1 11 ? 0.869  9.206  0.204   1.00 16.71 ? 9   TRP A CZ2 1 
ATOM   85  C CZ3 . TRP A 1 11 ? 0.482  7.680  -1.634  1.00 14.50 ? 9   TRP A CZ3 1 
ATOM   86  C CH2 . TRP A 1 11 ? 0.527  8.982  -1.108  1.00 15.39 ? 9   TRP A CH2 1 
ATOM   87  N N   . ARG A 1 12 ? 3.830  3.663  2.980   1.00 15.70 ? 10  ARG A N   1 
ATOM   88  C CA  A ARG A 1 12 ? 4.858  4.057  3.960   0.50 17.96 ? 10  ARG A CA  1 
ATOM   89  C CA  B ARG A 1 12 ? 4.846  4.137  3.905   0.50 17.39 ? 10  ARG A CA  1 
ATOM   90  C C   . ARG A 1 12 ? 6.250  3.941  3.386   1.00 17.61 ? 10  ARG A C   1 
ATOM   91  O O   . ARG A 1 12 ? 7.131  4.784  3.642   1.00 17.36 ? 10  ARG A O   1 
ATOM   92  C CB  A ARG A 1 12 ? 4.739  3.179  5.220   0.50 19.22 ? 10  ARG A CB  1 
ATOM   93  C CB  B ARG A 1 12 ? 4.682  3.514  5.277   0.50 17.88 ? 10  ARG A CB  1 
ATOM   94  C CG  A ARG A 1 12 ? 5.825  3.355  6.268   0.50 20.81 ? 10  ARG A CG  1 
ATOM   95  C CG  B ARG A 1 12 ? 3.549  4.140  6.066   0.50 18.10 ? 10  ARG A CG  1 
ATOM   96  C CD  A ARG A 1 12 ? 5.720  2.257  7.313   0.50 21.94 ? 10  ARG A CD  1 
ATOM   97  C CD  B ARG A 1 12 ? 3.364  3.340  7.327   0.50 17.15 ? 10  ARG A CD  1 
ATOM   98  N NE  A ARG A 1 12 ? 6.404  2.623  8.526   0.50 22.14 ? 10  ARG A NE  1 
ATOM   99  N NE  B ARG A 1 12 ? 2.779  4.108  8.356   0.50 16.97 ? 10  ARG A NE  1 
ATOM   100 C CZ  A ARG A 1 12 ? 7.672  2.953  8.582   0.50 25.83 ? 10  ARG A CZ  1 
ATOM   101 C CZ  B ARG A 1 12 ? 3.301  4.256  9.561   0.50 16.53 ? 10  ARG A CZ  1 
ATOM   102 N NH1 A ARG A 1 12 ? 8.400  2.946  7.474   0.50 35.67 ? 10  ARG A NH1 1 
ATOM   103 N NH1 B ARG A 1 12 ? 4.456  3.690  9.879   0.50 19.98 ? 10  ARG A NH1 1 
ATOM   104 N NH2 A ARG A 1 12 ? 8.210  3.310  9.744   0.50 29.31 ? 10  ARG A NH2 1 
ATOM   105 N NH2 B ARG A 1 12 ? 2.669  4.961  10.437  0.50 12.99 ? 10  ARG A NH2 1 
ATOM   106 N N   . GLU A 1 13 ? 6.458  2.890  2.603   1.00 17.76 ? 11  GLU A N   1 
ATOM   107 C CA  . GLU A 1 13 ? 7.719  2.696  1.938   1.00 16.35 ? 11  GLU A CA  1 
ATOM   108 C C   . GLU A 1 13 ? 7.992  3.649  0.750   1.00 14.36 ? 11  GLU A C   1 
ATOM   109 O O   . GLU A 1 13 ? 9.088  3.615  0.157   1.00 16.52 ? 11  GLU A O   1 
ATOM   110 C CB  . GLU A 1 13 ? 7.905  1.223  1.529   1.00 16.77 ? 11  GLU A CB  1 
ATOM   111 C CG  . GLU A 1 13 ? 7.165  0.795  0.303   1.00 15.65 ? 11  GLU A CG  1 
ATOM   112 C CD  . GLU A 1 13 ? 7.215  -0.673 0.125   1.00 19.41 ? 11  GLU A CD  1 
ATOM   113 O OE1 . GLU A 1 13 ? 6.350  -1.193 -0.537  1.00 23.96 ? 11  GLU A OE1 1 
ATOM   114 O OE2 . GLU A 1 13 ? 8.188  -1.285 0.565   1.00 21.42 ? 11  GLU A OE2 1 
ATOM   115 N N   . GLY A 1 14 ? 7.017  4.438  0.335   1.00 12.09 ? 12  GLY A N   1 
ATOM   116 C CA  . GLY A 1 14 ? 7.307  5.394  -0.709  1.00 12.93 ? 12  GLY A CA  1 
ATOM   117 C C   . GLY A 1 14 ? 6.600  5.215  -2.010  1.00 14.57 ? 12  GLY A C   1 
ATOM   118 O O   . GLY A 1 14 ? 6.741  6.063  -2.890  1.00 13.60 ? 12  GLY A O   1 
ATOM   119 N N   . ASN A 1 15 ? 5.838  4.116  -2.149  1.00 12.80 ? 13  ASN A N   1 
ATOM   120 C CA  . ASN A 1 15 ? 5.071  3.853  -3.367  1.00 14.03 ? 13  ASN A CA  1 
ATOM   121 C C   . ASN A 1 15 ? 3.796  4.724  -3.504  1.00 12.63 ? 13  ASN A C   1 
ATOM   122 O O   . ASN A 1 15 ? 3.192  5.139  -2.506  1.00 10.76 ? 13  ASN A O   1 
ATOM   123 C CB  . ASN A 1 15 ? 4.739  2.350  -3.441  1.00 14.07 ? 13  ASN A CB  1 
ATOM   124 C CG  . ASN A 1 15 ? 5.924  1.552  -3.786  1.00 19.68 ? 13  ASN A CG  1 
ATOM   125 O OD1 . ASN A 1 15 ? 6.601  1.876  -4.752  1.00 20.33 ? 13  ASN A OD1 1 
ATOM   126 N ND2 . ASN A 1 15 ? 6.278  0.572  -2.925  1.00 22.10 ? 13  ASN A ND2 1 
ATOM   127 N N   . ASP A 1 16 ? 3.395  4.995  -4.745  1.00 11.28 ? 14  ASP A N   1 
ATOM   128 C CA  . ASP A 1 16 ? 2.219  5.844  -4.960  1.00 12.83 ? 14  ASP A CA  1 
ATOM   129 C C   . ASP A 1 16 ? 0.929  5.059  -4.869  1.00 12.35 ? 14  ASP A C   1 
ATOM   130 O O   . ASP A 1 16 ? 0.931  3.844  -4.685  1.00 10.69 ? 14  ASP A O   1 
ATOM   131 C CB  . ASP A 1 16 ? 2.297  6.723  -6.245  1.00 13.98 ? 14  ASP A CB  1 
ATOM   132 C CG  . ASP A 1 16 ? 2.278  5.920  -7.532  1.00 14.23 ? 14  ASP A CG  1 
ATOM   133 O OD1 . ASP A 1 16 ? 1.740  4.794  -7.575  1.00 11.72 ? 14  ASP A OD1 1 
ATOM   134 O OD2 . ASP A 1 16 ? 2.886  6.417  -8.509  1.00 18.15 ? 14  ASP A OD2 1 
ATOM   135 N N   . GLU A 1 17 ? -0.160 5.797  -4.836  1.00 11.24 ? 15  GLU A N   1 
ATOM   136 C CA  . GLU A 1 17 ? -1.458 5.255  -4.573  1.00 13.79 ? 15  GLU A CA  1 
ATOM   137 C C   . GLU A 1 17 ? -1.921 4.240  -5.628  1.00 12.32 ? 15  GLU A C   1 
ATOM   138 O O   . GLU A 1 17 ? -2.465 3.177  -5.305  1.00 11.74 ? 15  GLU A O   1 
ATOM   139 C CB  . GLU A 1 17 ? -2.419 6.433  -4.484  1.00 17.14 ? 15  GLU A CB  1 
ATOM   140 C CG  . GLU A 1 17 ? -3.847 6.063  -4.273  1.00 23.79 ? 15  GLU A CG  1 
ATOM   141 C CD  . GLU A 1 17 ? -4.718 7.296  -4.065  1.00 37.58 ? 15  GLU A CD  1 
ATOM   142 O OE1 . GLU A 1 17 ? -4.166 8.390  -3.714  1.00 42.51 ? 15  GLU A OE1 1 
ATOM   143 O OE2 . GLU A 1 17 ? -5.946 7.163  -4.259  1.00 34.75 ? 15  GLU A OE2 1 
ATOM   144 N N   . GLU A 1 18 ? -1.680 4.566  -6.898  1.00 12.40 ? 16  GLU A N   1 
ATOM   145 C CA  . GLU A 1 18 ? -1.996 3.665  -7.973  1.00 12.24 ? 16  GLU A CA  1 
ATOM   146 C C   . GLU A 1 18 ? -1.222 2.327  -7.862  1.00 10.44 ? 16  GLU A C   1 
ATOM   147 O O   . GLU A 1 18 ? -1.813 1.255  -8.056  1.00 10.69 ? 16  GLU A O   1 
ATOM   148 C CB  . GLU A 1 18 ? -1.714 4.310  -9.324  1.00 13.18 ? 16  GLU A CB  1 
ATOM   149 C CG  . GLU A 1 18 ? -2.055 3.423  -10.502 1.00 17.31 ? 16  GLU A CG  1 
ATOM   150 C CD  . GLU A 1 18 ? -2.032 4.133  -11.834 1.00 20.17 ? 16  GLU A CD  1 
ATOM   151 O OE1 . GLU A 1 18 ? -1.519 5.257  -11.874 1.00 26.93 ? 16  GLU A OE1 1 
ATOM   152 O OE2 . GLU A 1 18 ? -2.504 3.543  -12.853 1.00 23.10 ? 16  GLU A OE2 1 
ATOM   153 N N   . THR A 1 19 ? 0.060  2.373  -7.546  1.00 9.79  ? 17  THR A N   1 
ATOM   154 C CA  . THR A 1 19 ? 0.862  1.140  -7.221  1.00 9.59  ? 17  THR A CA  1 
ATOM   155 C C   . THR A 1 19 ? 0.300  0.358  -6.042  1.00 9.05  ? 17  THR A C   1 
ATOM   156 O O   . THR A 1 19 ? 0.159  -0.829 -6.117  1.00 10.26 ? 17  THR A O   1 
ATOM   157 C CB  . THR A 1 19 ? 2.329  1.481  -6.925  1.00 10.60 ? 17  THR A CB  1 
ATOM   158 O OG1 . THR A 1 19 ? 2.836  2.148  -8.040  1.00 13.84 ? 17  THR A OG1 1 
ATOM   159 C CG2 . THR A 1 19 ? 3.190  0.234  -6.687  1.00 11.46 ? 17  THR A CG2 1 
ATOM   160 N N   . CYS A 1 20 ? 0.005  1.026  -4.941  1.00 8.77  ? 18  CYS A N   1 
ATOM   161 C CA  . CYS A 1 20 ? -0.392 0.315  -3.769  1.00 9.90  ? 18  CYS A CA  1 
ATOM   162 C C   . CYS A 1 20 ? -1.817 -0.241 -3.843  1.00 10.81 ? 18  CYS A C   1 
ATOM   163 O O   . CYS A 1 20 ? -2.096 -1.317 -3.305  1.00 9.70  ? 18  CYS A O   1 
ATOM   164 C CB  . CYS A 1 20 ? -0.189 1.201  -2.546  1.00 10.03 ? 18  CYS A CB  1 
ATOM   165 S SG  . CYS A 1 20 ? 1.514  1.676  -2.418  1.00 11.52 ? 18  CYS A SG  1 
ATOM   166 N N   . LYS A 1 21 ? -2.707 0.474  -4.541  1.00 12.88 ? 19  LYS A N   1 
ATOM   167 C CA  . LYS A 1 21 ? -4.056 -0.071 -4.877  1.00 13.11 ? 19  LYS A CA  1 
ATOM   168 C C   . LYS A 1 21 ? -4.028 -1.305 -5.761  1.00 11.88 ? 19  LYS A C   1 
ATOM   169 O O   . LYS A 1 21 ? -4.852 -2.200 -5.599  1.00 12.32 ? 19  LYS A O   1 
ATOM   170 C CB  . LYS A 1 21 ? -4.943 1.005  -5.510  1.00 11.76 ? 19  LYS A CB  1 
ATOM   171 C CG  . LYS A 1 21 ? -5.344 2.055  -4.532  1.00 14.28 ? 19  LYS A CG  1 
ATOM   172 C CD  . LYS A 1 21 ? -6.215 3.107  -5.167  1.00 19.60 ? 19  LYS A CD  1 
ATOM   173 C CE  . LYS A 1 21 ? -6.802 3.998  -4.092  1.00 23.95 ? 19  LYS A CE  1 
ATOM   174 N NZ  . LYS A 1 21 ? -7.653 5.021  -4.703  1.00 29.07 ? 19  LYS A NZ  1 
ATOM   175 N N   . GLU A 1 22 ? -3.092 -1.354 -6.703  1.00 12.05 ? 20  GLU A N   1 
ATOM   176 C CA  . GLU A 1 22 ? -2.887 -2.570 -7.494  1.00 12.70 ? 20  GLU A CA  1 
ATOM   177 C C   . GLU A 1 22 ? -2.273 -3.723 -6.689  1.00 11.90 ? 20  GLU A C   1 
ATOM   178 O O   . GLU A 1 22 ? -2.684 -4.903 -6.851  1.00 10.22 ? 20  GLU A O   1 
ATOM   179 C CB  . GLU A 1 22 ? -2.021 -2.257 -8.745  1.00 12.30 ? 20  GLU A CB  1 
ATOM   180 C CG  . GLU A 1 22 ? -1.841 -3.421 -9.709  1.00 12.87 ? 20  GLU A CG  1 
ATOM   181 C CD  . GLU A 1 22 ? -3.161 -3.982 -10.240 1.00 11.19 ? 20  GLU A CD  1 
ATOM   182 O OE1 . GLU A 1 22 ? -3.989 -3.169 -10.667 1.00 9.35  ? 20  GLU A OE1 1 
ATOM   183 O OE2 . GLU A 1 22 ? -3.337 -5.226 -10.168 1.00 11.07 ? 20  GLU A OE2 1 
ATOM   184 N N   . ARG A 1 23 ? -1.286 -3.393 -5.825  1.00 11.65 ? 21  ARG A N   1 
ATOM   185 C CA  . ARG A 1 23 ? -0.591 -4.411 -5.068  1.00 10.99 ? 21  ARG A CA  1 
ATOM   186 C C   . ARG A 1 23 ? -1.537 -5.136 -4.098  1.00 10.67 ? 21  ARG A C   1 
ATOM   187 O O   . ARG A 1 23 ? -1.425 -6.357 -3.901  1.00 9.52  ? 21  ARG A O   1 
ATOM   188 C CB  . ARG A 1 23 ? 0.607  -3.823 -4.320  1.00 11.65 ? 21  ARG A CB  1 
ATOM   189 C CG  . ARG A 1 23 ? 1.392  -4.863 -3.513  1.00 11.90 ? 21  ARG A CG  1 
ATOM   190 C CD  . ARG A 1 23 ? 2.333  -4.285 -2.512  1.00 11.90 ? 21  ARG A CD  1 
ATOM   191 N NE  . ARG A 1 23 ? 3.469  -3.680 -3.163  1.00 12.97 ? 21  ARG A NE  1 
ATOM   192 C CZ  . ARG A 1 23 ? 4.473  -3.044 -2.536  1.00 13.11 ? 21  ARG A CZ  1 
ATOM   193 N NH1 . ARG A 1 23 ? 4.491  -2.885 -1.201  1.00 13.67 ? 21  ARG A NH1 1 
ATOM   194 N NH2 . ARG A 1 23 ? 5.439  -2.559 -3.249  1.00 13.39 ? 21  ARG A NH2 1 
ATOM   195 N N   . CYS A 1 24 ? -2.397 -4.359 -3.442  1.00 11.31 ? 22  CYS A N   1 
ATOM   196 C CA  . CYS A 1 24 ? -2.988 -4.740 -2.168  1.00 10.97 ? 22  CYS A CA  1 
ATOM   197 C C   . CYS A 1 24 ? -4.434 -5.148 -2.283  1.00 13.42 ? 22  CYS A C   1 
ATOM   198 O O   . CYS A 1 24 ? -5.201 -4.483 -2.967  1.00 11.47 ? 22  CYS A O   1 
ATOM   199 C CB  . CYS A 1 24 ? -2.822 -3.624 -1.141  1.00 11.05 ? 22  CYS A CB  1 
ATOM   200 S SG  . CYS A 1 24 ? -1.097 -3.316 -0.693  1.00 11.29 ? 22  CYS A SG  1 
HETATM 201 O O   . HOH B 2 .  ? 10.496 2.879  -1.667  1.00 34.72 ? 101 HOH A O   1 
HETATM 202 O O   . HOH B 2 .  ? -5.121 -6.468 -8.961  0.50 34.18 ? 102 HOH A O   1 
HETATM 203 O O   . HOH B 2 .  ? -1.854 -7.271 -6.895  1.00 30.35 ? 103 HOH A O   1 
HETATM 204 O O   . HOH B 2 .  ? -5.683 -1.596 -9.569  1.00 26.59 ? 104 HOH A O   1 
HETATM 205 O O   . HOH B 2 .  ? -1.448 -6.850 -9.549  1.00 23.91 ? 105 HOH A O   1 
HETATM 206 O O   . HOH B 2 .  ? -4.155 0.868  -9.140  1.00 17.43 ? 106 HOH A O   1 
HETATM 207 O O   . HOH B 2 .  ? -2.086 9.982  -3.449  1.00 24.12 ? 107 HOH A O   1 
HETATM 208 O O   . HOH B 2 .  ? 2.791  4.622  13.069  1.00 23.57 ? 108 HOH A O   1 
HETATM 209 O O   . HOH B 2 .  ? 4.826  8.238  -8.575  1.00 20.02 ? 109 HOH A O   1 
HETATM 210 O O   . HOH B 2 .  ? -5.575 -8.899 1.586   1.00 30.27 ? 110 HOH A O   1 
HETATM 211 O O   . HOH B 2 .  ? -3.664 -7.667 0.314   1.00 21.87 ? 111 HOH A O   1 
HETATM 212 O O   . HOH B 2 .  ? 8.232  -1.328 -3.244  1.00 33.25 ? 112 HOH A O   1 
HETATM 213 O O   . HOH B 2 .  ? 0.773  -2.009 7.816   1.00 20.75 ? 113 HOH A O   1 
HETATM 214 O O   . HOH B 2 .  ? -7.623 -9.325 7.029   1.00 23.53 ? 114 HOH A O   1 
HETATM 215 O O   . HOH B 2 .  ? 2.059  5.567  -11.137 1.00 25.13 ? 115 HOH A O   1 
HETATM 216 O O   . HOH B 2 .  ? -0.034 7.525  -10.815 1.00 41.05 ? 116 HOH A O   1 
HETATM 217 O O   . HOH B 2 .  ? 2.883  -3.727 1.164   1.00 12.03 ? 117 HOH A O   1 
HETATM 218 O O   . HOH B 2 .  ? 5.370  -0.728 9.286   1.00 26.60 ? 118 HOH A O   1 
HETATM 219 O O   . HOH B 2 .  ? 5.902  7.049  -5.562  1.00 33.25 ? 119 HOH A O   1 
HETATM 220 O O   . HOH B 2 .  ? 1.521  -2.814 -7.970  1.00 21.40 ? 120 HOH A O   1 
HETATM 221 O O   . HOH B 2 .  ? -0.875 7.336  -7.860  1.00 12.51 ? 121 HOH A O   1 
HETATM 222 O O   . HOH B 2 .  ? 3.492  -3.669 -6.219  1.00 27.08 ? 122 HOH A O   1 
HETATM 223 O O   . HOH B 2 .  ? -1.928 -8.333 2.486   1.00 20.01 ? 123 HOH A O   1 
HETATM 224 O O   . HOH B 2 .  ? -4.245 -8.315 8.828   1.00 33.40 ? 124 HOH A O   1 
HETATM 225 O O   . HOH B 2 .  ? -2.918 9.437  -0.923  1.00 35.19 ? 125 HOH A O   1 
HETATM 226 O O   . HOH B 2 .  ? 0.295  9.009  -4.819  1.00 18.24 ? 126 HOH A O   1 
HETATM 227 O O   . HOH B 2 .  ? -0.183 0.252  -10.873 1.00 30.15 ? 127 HOH A O   1 
HETATM 228 O O   . HOH B 2 .  ? -7.259 -1.307 1.767   1.00 36.12 ? 128 HOH A O   1 
HETATM 229 O O   . HOH B 2 .  ? 9.571  5.583  -5.591  1.00 35.03 ? 129 HOH A O   1 
HETATM 230 O O   . HOH B 2 .  ? 0.427  9.637  -7.133  1.00 24.37 ? 130 HOH A O   1 
HETATM 231 O O   . HOH B 2 .  ? -5.792 3.272  -8.692  1.00 51.18 ? 131 HOH A O   1 
HETATM 232 O O   . HOH B 2 .  ? 1.263  -1.497 -10.586 1.00 29.56 ? 132 HOH A O   1 
# 
